data_7X0H
#
_entry.id   7X0H
#
_cell.length_a   75.873
_cell.length_b   234.616
_cell.length_c   196.325
_cell.angle_alpha   90.000
_cell.angle_beta   90.000
_cell.angle_gamma   90.000
#
_symmetry.space_group_name_H-M   'C 2 2 21'
#
loop_
_entity.id
_entity.type
_entity.pdbx_description
1 polymer CbpA
2 non-polymer beta-D-glucopyranose
3 water water
#
_entity_poly.entity_id   1
_entity_poly.type   'polypeptide(L)'
_entity_poly.pdbx_seq_one_letter_code
;SAKGYVGDPSDEYYMVTFLSGIDYWKYCFEGFEDAAKAIGVTAKYTGQTDTDVSGQVAVLEQVIAQKPKGIAVTAVNSTA
LADTINSAIEQGISVVCFDSDSPTSNRSAYLGTGNYAAGQKAAEFLVPLVNYKGKIAVLYTVGAENSESRVQGFEDWCKQ
NAPEVSLVKVNDAGDTTVAADNLAAALQANDDIVGVFCVDGVAGTAGPTAVAESKKDLRVLAFDVDVTVLDKVKSGEIDG
TVAQGMYNMGYWSLMMLYTEANGLSSKALPGNLDTGVVIVTKDNVDEYYPKK
;
_entity_poly.pdbx_strand_id   A,B,C,D
#
# COMPACT_ATOMS: atom_id res chain seq x y z
N GLY A 4 15.19 -15.82 9.21
CA GLY A 4 14.49 -15.59 10.46
C GLY A 4 13.59 -14.37 10.51
N TYR A 5 13.74 -13.59 11.58
CA TYR A 5 12.86 -12.47 11.88
C TYR A 5 13.53 -11.12 11.60
N VAL A 6 14.43 -11.09 10.62
CA VAL A 6 14.99 -9.83 10.12
C VAL A 6 14.18 -9.45 8.89
N GLY A 7 13.27 -8.51 9.07
CA GLY A 7 12.36 -8.17 8.01
C GLY A 7 12.96 -7.20 7.01
N ASP A 8 12.33 -7.16 5.85
CA ASP A 8 12.60 -6.26 4.76
C ASP A 8 11.53 -5.19 4.73
N PRO A 9 11.87 -3.90 4.78
CA PRO A 9 10.82 -2.88 4.85
C PRO A 9 9.93 -2.79 3.62
N SER A 10 10.35 -3.35 2.47
CA SER A 10 9.48 -3.36 1.31
C SER A 10 8.38 -4.42 1.43
N ASP A 11 8.43 -5.28 2.44
CA ASP A 11 7.40 -6.29 2.64
C ASP A 11 6.31 -5.70 3.53
N GLU A 12 5.08 -5.73 3.03
CA GLU A 12 3.97 -5.02 3.63
C GLU A 12 2.96 -5.97 4.26
N TYR A 13 2.45 -5.56 5.42
CA TYR A 13 1.41 -6.27 6.16
C TYR A 13 0.29 -5.28 6.42
N TYR A 14 -0.92 -5.65 6.01
CA TYR A 14 -2.09 -4.78 6.09
C TYR A 14 -3.03 -5.19 7.21
N MET A 15 -3.50 -4.21 7.98
CA MET A 15 -4.65 -4.34 8.85
C MET A 15 -5.84 -3.73 8.14
N VAL A 16 -6.94 -4.48 8.06
CA VAL A 16 -8.13 -4.07 7.31
C VAL A 16 -9.34 -4.16 8.22
N THR A 17 -10.11 -3.07 8.32
CA THR A 17 -11.16 -2.97 9.31
C THR A 17 -12.47 -2.50 8.69
N PHE A 18 -13.47 -2.33 9.56
CA PHE A 18 -14.71 -1.62 9.27
C PHE A 18 -14.90 -0.59 10.37
N LEU A 19 -15.82 0.35 10.17
CA LEU A 19 -15.92 1.52 11.04
C LEU A 19 -14.52 2.09 11.29
N SER A 20 -13.79 2.29 10.19
CA SER A 20 -12.33 2.34 10.22
C SER A 20 -11.76 3.57 10.90
N GLY A 21 -12.57 4.59 11.13
CA GLY A 21 -12.05 5.79 11.77
C GLY A 21 -12.15 5.84 13.26
N ILE A 22 -12.74 4.85 13.93
CA ILE A 22 -12.97 4.98 15.36
C ILE A 22 -11.70 4.67 16.13
N ASP A 23 -11.64 5.17 17.36
CA ASP A 23 -10.41 5.07 18.16
C ASP A 23 -10.06 3.62 18.49
N TYR A 24 -11.06 2.73 18.53
CA TYR A 24 -10.80 1.32 18.84
C TYR A 24 -9.67 0.76 17.98
N TRP A 25 -9.66 1.06 16.68
CA TRP A 25 -8.63 0.50 15.81
C TRP A 25 -7.26 1.13 16.02
N LYS A 26 -7.19 2.34 16.61
CA LYS A 26 -5.89 2.95 16.87
C LYS A 26 -5.07 2.08 17.82
N TYR A 27 -5.72 1.49 18.82
CA TYR A 27 -5.01 0.61 19.74
C TYR A 27 -4.63 -0.71 19.07
N CYS A 28 -5.52 -1.27 18.25
CA CYS A 28 -5.19 -2.48 17.52
C CYS A 28 -4.00 -2.24 16.58
N PHE A 29 -4.01 -1.13 15.85
CA PHE A 29 -2.94 -0.89 14.90
C PHE A 29 -1.63 -0.56 15.60
N GLU A 30 -1.68 0.07 16.78
CA GLU A 30 -0.47 0.32 17.54
C GLU A 30 0.30 -0.99 17.80
N GLY A 31 -0.40 -2.05 18.18
CA GLY A 31 0.27 -3.32 18.40
C GLY A 31 0.82 -3.92 17.11
N PHE A 32 0.01 -3.90 16.05
CA PHE A 32 0.41 -4.35 14.72
C PHE A 32 1.70 -3.66 14.27
N GLU A 33 1.74 -2.34 14.42
CA GLU A 33 2.90 -1.57 13.98
C GLU A 33 4.09 -1.78 14.89
N ASP A 34 3.87 -1.94 16.20
CA ASP A 34 4.99 -2.21 17.10
C ASP A 34 5.68 -3.52 16.72
N ALA A 35 4.90 -4.57 16.45
CA ALA A 35 5.50 -5.84 16.03
C ALA A 35 6.20 -5.68 14.69
N ALA A 36 5.57 -4.96 13.75
CA ALA A 36 6.19 -4.77 12.45
C ALA A 36 7.53 -4.07 12.57
N LYS A 37 7.62 -3.06 13.43
CA LYS A 37 8.88 -2.34 13.60
C LYS A 37 9.92 -3.20 14.28
N ALA A 38 9.51 -4.05 15.23
CA ALA A 38 10.46 -4.95 15.86
C ALA A 38 11.06 -5.91 14.84
N ILE A 39 10.25 -6.41 13.91
CA ILE A 39 10.76 -7.33 12.91
C ILE A 39 11.52 -6.58 11.82
N GLY A 40 11.01 -5.43 11.39
CA GLY A 40 11.58 -4.68 10.30
C GLY A 40 10.76 -4.67 9.01
N VAL A 41 9.47 -5.01 9.06
CA VAL A 41 8.57 -4.93 7.91
C VAL A 41 7.70 -3.70 8.07
N THR A 42 6.85 -3.43 7.07
CA THR A 42 6.03 -2.23 7.07
C THR A 42 4.57 -2.58 7.29
N ALA A 43 3.99 -1.97 8.32
CA ALA A 43 2.58 -2.12 8.65
C ALA A 43 1.77 -1.03 7.96
N LYS A 44 0.63 -1.44 7.38
CA LYS A 44 -0.27 -0.55 6.66
C LYS A 44 -1.68 -0.70 7.22
N TYR A 45 -2.46 0.37 7.14
CA TYR A 45 -3.81 0.38 7.71
C TYR A 45 -4.82 0.89 6.70
N THR A 46 -5.97 0.22 6.62
CA THR A 46 -7.11 0.79 5.90
C THR A 46 -8.38 0.08 6.37
N GLY A 47 -9.52 0.53 5.86
CA GLY A 47 -10.78 -0.09 6.21
C GLY A 47 -11.95 0.60 5.54
N GLN A 48 -13.11 -0.02 5.70
CA GLN A 48 -14.39 0.59 5.31
C GLN A 48 -14.84 1.53 6.42
N THR A 49 -15.28 2.73 6.04
CA THR A 49 -15.55 3.74 7.05
C THR A 49 -16.84 3.46 7.84
N ASP A 50 -17.78 2.70 7.28
CA ASP A 50 -19.00 2.32 7.95
C ASP A 50 -19.09 0.80 8.00
N THR A 51 -20.30 0.24 8.06
CA THR A 51 -20.44 -1.22 8.09
C THR A 51 -20.98 -1.78 6.77
N ASP A 52 -20.80 -1.06 5.67
CA ASP A 52 -21.32 -1.52 4.38
C ASP A 52 -20.54 -2.74 3.93
N VAL A 53 -21.25 -3.85 3.71
CA VAL A 53 -20.57 -5.11 3.44
C VAL A 53 -19.86 -5.08 2.08
N SER A 54 -20.59 -4.73 1.02
CA SER A 54 -19.95 -4.65 -0.29
C SER A 54 -18.81 -3.63 -0.27
N GLY A 55 -18.96 -2.56 0.51
CA GLY A 55 -17.85 -1.64 0.68
C GLY A 55 -16.61 -2.29 1.24
N GLN A 56 -16.75 -3.08 2.31
CA GLN A 56 -15.56 -3.68 2.90
C GLN A 56 -14.95 -4.71 1.95
N VAL A 57 -15.79 -5.46 1.22
CA VAL A 57 -15.26 -6.38 0.21
C VAL A 57 -14.37 -5.62 -0.77
N ALA A 58 -14.84 -4.45 -1.24
CA ALA A 58 -14.06 -3.68 -2.21
C ALA A 58 -12.75 -3.20 -1.60
N VAL A 59 -12.77 -2.75 -0.35
CA VAL A 59 -11.54 -2.32 0.32
C VAL A 59 -10.56 -3.46 0.40
N LEU A 60 -11.03 -4.66 0.79
CA LEU A 60 -10.13 -5.80 0.87
C LEU A 60 -9.59 -6.17 -0.50
N GLU A 61 -10.40 -6.00 -1.56
CA GLU A 61 -9.89 -6.22 -2.91
C GLU A 61 -8.80 -5.21 -3.26
N GLN A 62 -8.99 -3.93 -2.89
CA GLN A 62 -7.95 -2.93 -3.14
C GLN A 62 -6.64 -3.30 -2.45
N VAL A 63 -6.74 -3.91 -1.27
CA VAL A 63 -5.54 -4.34 -0.54
C VAL A 63 -4.91 -5.54 -1.24
N ILE A 64 -5.72 -6.55 -1.58
CA ILE A 64 -5.17 -7.73 -2.25
C ILE A 64 -4.41 -7.32 -3.51
N ALA A 65 -4.91 -6.28 -4.21
CA ALA A 65 -4.27 -5.81 -5.44
C ALA A 65 -2.91 -5.16 -5.20
N GLN A 66 -2.61 -4.75 -3.97
CA GLN A 66 -1.27 -4.25 -3.65
C GLN A 66 -0.31 -5.38 -3.29
N LYS A 67 -0.77 -6.63 -3.31
CA LYS A 67 0.07 -7.80 -3.11
C LYS A 67 0.90 -7.73 -1.84
N PRO A 68 0.28 -7.49 -0.69
CA PRO A 68 1.02 -7.56 0.57
C PRO A 68 1.43 -8.98 0.89
N LYS A 69 2.39 -9.11 1.81
CA LYS A 69 2.75 -10.43 2.32
C LYS A 69 1.66 -11.00 3.22
N GLY A 70 0.94 -10.15 3.93
CA GLY A 70 -0.04 -10.62 4.90
C GLY A 70 -1.12 -9.60 5.15
N ILE A 71 -2.28 -10.11 5.55
CA ILE A 71 -3.46 -9.29 5.86
C ILE A 71 -4.07 -9.82 7.15
N ALA A 72 -4.32 -8.93 8.10
CA ALA A 72 -5.13 -9.21 9.27
C ALA A 72 -6.43 -8.46 9.07
N VAL A 73 -7.54 -9.19 8.97
CA VAL A 73 -8.81 -8.56 8.65
C VAL A 73 -9.82 -8.90 9.73
N THR A 74 -10.63 -7.92 10.08
CA THR A 74 -11.81 -8.09 10.92
C THR A 74 -13.03 -7.95 10.01
N ALA A 75 -13.85 -9.01 9.96
CA ALA A 75 -14.92 -9.10 8.99
C ALA A 75 -16.19 -8.46 9.53
N VAL A 76 -16.77 -7.53 8.76
CA VAL A 76 -17.99 -6.85 9.19
C VAL A 76 -19.19 -7.80 9.17
N ASN A 77 -19.11 -8.86 8.38
CA ASN A 77 -20.15 -9.87 8.26
C ASN A 77 -19.50 -11.25 8.37
N SER A 78 -20.24 -12.18 8.98
CA SER A 78 -19.68 -13.49 9.33
C SER A 78 -19.26 -14.32 8.13
N THR A 79 -19.90 -14.12 6.98
CA THR A 79 -19.59 -14.95 5.81
C THR A 79 -19.29 -14.17 4.54
N ALA A 80 -19.68 -12.90 4.43
CA ALA A 80 -19.65 -12.22 3.15
C ALA A 80 -18.25 -11.88 2.66
N LEU A 81 -17.24 -11.95 3.53
CA LEU A 81 -15.86 -11.72 3.13
C LEU A 81 -15.11 -13.01 2.86
N ALA A 82 -15.76 -14.17 3.03
CA ALA A 82 -15.05 -15.44 3.00
C ALA A 82 -14.44 -15.71 1.63
N ASP A 83 -15.18 -15.46 0.55
CA ASP A 83 -14.65 -15.73 -0.77
C ASP A 83 -13.47 -14.82 -1.09
N THR A 84 -13.51 -13.56 -0.65
CA THR A 84 -12.41 -12.64 -0.89
C THR A 84 -11.17 -13.07 -0.09
N ILE A 85 -11.36 -13.46 1.16
CA ILE A 85 -10.25 -13.98 1.96
C ILE A 85 -9.65 -15.20 1.26
N ASN A 86 -10.51 -16.13 0.82
CA ASN A 86 -10.02 -17.34 0.17
C ASN A 86 -9.25 -16.99 -1.10
N SER A 87 -9.70 -15.96 -1.83
CA SER A 87 -8.99 -15.51 -3.02
C SER A 87 -7.61 -14.96 -2.67
N ALA A 88 -7.51 -14.18 -1.59
CA ALA A 88 -6.22 -13.66 -1.17
C ALA A 88 -5.24 -14.80 -0.88
N ILE A 89 -5.70 -15.82 -0.16
CA ILE A 89 -4.85 -16.96 0.17
C ILE A 89 -4.46 -17.74 -1.08
N GLU A 90 -5.40 -17.88 -2.02
CA GLU A 90 -5.07 -18.54 -3.29
C GLU A 90 -4.02 -17.77 -4.06
N GLN A 91 -4.01 -16.43 -3.94
CA GLN A 91 -2.99 -15.60 -4.56
C GLN A 91 -1.70 -15.56 -3.77
N GLY A 92 -1.57 -16.33 -2.70
CA GLY A 92 -0.33 -16.42 -1.97
C GLY A 92 -0.16 -15.47 -0.81
N ILE A 93 -1.23 -14.78 -0.42
CA ILE A 93 -1.18 -13.84 0.69
C ILE A 93 -1.59 -14.57 1.97
N SER A 94 -0.81 -14.39 3.04
CA SER A 94 -1.22 -14.90 4.35
C SER A 94 -2.35 -14.06 4.92
N VAL A 95 -3.35 -14.72 5.48
CA VAL A 95 -4.51 -14.04 6.04
C VAL A 95 -4.85 -14.65 7.39
N VAL A 96 -4.99 -13.80 8.40
CA VAL A 96 -5.62 -14.16 9.66
C VAL A 96 -6.78 -13.19 9.88
N CYS A 97 -7.71 -13.61 10.73
CA CYS A 97 -8.76 -12.72 11.20
C CYS A 97 -8.46 -12.28 12.62
N PHE A 98 -8.75 -11.02 12.91
CA PHE A 98 -8.69 -10.51 14.27
C PHE A 98 -10.01 -9.80 14.58
N ASP A 99 -10.34 -9.78 15.87
CA ASP A 99 -11.46 -9.01 16.41
C ASP A 99 -12.83 -9.57 16.06
N SER A 100 -13.11 -9.80 14.78
CA SER A 100 -14.37 -10.41 14.35
C SER A 100 -14.06 -11.40 13.24
N ASP A 101 -14.48 -12.65 13.42
CA ASP A 101 -13.98 -13.74 12.60
C ASP A 101 -14.79 -13.91 11.31
N SER A 102 -14.16 -14.61 10.36
CA SER A 102 -14.81 -15.13 9.16
C SER A 102 -14.59 -16.64 9.23
N PRO A 103 -15.37 -17.35 10.05
CA PRO A 103 -14.99 -18.73 10.42
C PRO A 103 -15.18 -19.76 9.32
N THR A 104 -15.96 -19.46 8.28
CA THR A 104 -16.08 -20.37 7.15
C THR A 104 -14.99 -20.17 6.11
N SER A 105 -14.16 -19.15 6.28
CA SER A 105 -13.09 -18.89 5.32
C SER A 105 -11.89 -19.77 5.65
N ASN A 106 -10.86 -19.69 4.80
CA ASN A 106 -9.63 -20.43 4.99
C ASN A 106 -8.58 -19.67 5.79
N ARG A 107 -8.98 -18.60 6.48
CA ARG A 107 -8.01 -17.85 7.27
C ARG A 107 -7.33 -18.80 8.26
N SER A 108 -6.06 -18.53 8.53
CA SER A 108 -5.23 -19.46 9.28
C SER A 108 -5.52 -19.44 10.77
N ALA A 109 -5.94 -18.30 11.31
CA ALA A 109 -6.11 -18.16 12.74
C ALA A 109 -7.07 -17.01 13.02
N TYR A 110 -7.68 -17.07 14.21
CA TYR A 110 -8.41 -15.95 14.77
C TYR A 110 -7.71 -15.46 16.01
N LEU A 111 -7.56 -14.14 16.15
CA LEU A 111 -6.93 -13.52 17.30
C LEU A 111 -7.87 -12.45 17.81
N GLY A 112 -8.33 -12.60 19.04
CA GLY A 112 -9.28 -11.64 19.57
C GLY A 112 -10.01 -12.17 20.78
N THR A 113 -11.08 -11.46 21.13
CA THR A 113 -11.90 -11.83 22.27
C THR A 113 -12.56 -13.17 22.03
N GLY A 114 -12.67 -13.96 23.09
CA GLY A 114 -13.54 -15.12 23.09
C GLY A 114 -14.97 -14.62 23.22
N ASN A 115 -15.62 -14.36 22.09
CA ASN A 115 -16.82 -13.53 22.11
C ASN A 115 -17.99 -14.21 22.78
N TYR A 116 -18.18 -15.51 22.56
CA TYR A 116 -19.25 -16.23 23.26
C TYR A 116 -19.03 -16.17 24.77
N ALA A 117 -17.82 -16.50 25.21
CA ALA A 117 -17.49 -16.45 26.63
C ALA A 117 -17.66 -15.04 27.19
N ALA A 118 -17.32 -14.03 26.41
CA ALA A 118 -17.48 -12.65 26.89
C ALA A 118 -18.95 -12.30 27.07
N GLY A 119 -19.82 -12.82 26.21
CA GLY A 119 -21.25 -12.64 26.42
C GLY A 119 -21.74 -13.34 27.67
N GLN A 120 -21.20 -14.52 27.95
CA GLN A 120 -21.51 -15.18 29.23
C GLN A 120 -21.04 -14.33 30.39
N LYS A 121 -19.82 -13.78 30.29
CA LYS A 121 -19.29 -12.93 31.35
C LYS A 121 -20.14 -11.68 31.53
N ALA A 122 -20.61 -11.10 30.42
CA ALA A 122 -21.49 -9.95 30.50
C ALA A 122 -22.78 -10.28 31.25
N ALA A 123 -23.35 -11.47 31.00
CA ALA A 123 -24.57 -11.87 31.70
C ALA A 123 -24.30 -12.09 33.19
N GLU A 124 -23.17 -12.69 33.52
CA GLU A 124 -22.80 -12.86 34.93
C GLU A 124 -22.70 -11.51 35.64
N PHE A 125 -22.31 -10.47 34.92
CA PHE A 125 -22.20 -9.14 35.51
C PHE A 125 -23.56 -8.48 35.66
N LEU A 126 -24.37 -8.51 34.60
CA LEU A 126 -25.56 -7.68 34.53
C LEU A 126 -26.78 -8.33 35.20
N VAL A 127 -26.94 -9.64 35.07
CA VAL A 127 -28.14 -10.29 35.58
C VAL A 127 -28.29 -10.08 37.10
N PRO A 128 -27.26 -10.26 37.92
CA PRO A 128 -27.42 -9.99 39.36
C PRO A 128 -27.81 -8.55 39.66
N LEU A 129 -27.34 -7.62 38.84
CA LEU A 129 -27.65 -6.21 39.07
C LEU A 129 -29.13 -5.90 38.84
N VAL A 130 -29.82 -6.69 38.02
CA VAL A 130 -31.26 -6.54 37.84
C VAL A 130 -32.03 -7.60 38.62
N ASN A 131 -31.40 -8.23 39.61
CA ASN A 131 -32.07 -9.13 40.55
C ASN A 131 -32.70 -10.33 39.85
N TYR A 132 -32.04 -10.81 38.82
CA TYR A 132 -32.40 -12.06 38.15
C TYR A 132 -33.83 -12.03 37.61
N LYS A 133 -34.31 -10.88 37.19
CA LYS A 133 -35.64 -10.84 36.60
C LYS A 133 -35.80 -9.62 35.73
N GLY A 134 -36.76 -9.70 34.82
CA GLY A 134 -37.00 -8.61 33.89
C GLY A 134 -36.34 -8.86 32.55
N LYS A 135 -36.47 -7.87 31.68
CA LYS A 135 -36.07 -7.95 30.29
C LYS A 135 -34.80 -7.13 30.08
N ILE A 136 -33.84 -7.70 29.36
CA ILE A 136 -32.59 -7.01 29.05
C ILE A 136 -32.55 -6.74 27.56
N ALA A 137 -32.38 -5.47 27.19
CA ALA A 137 -32.16 -5.08 25.80
C ALA A 137 -30.70 -5.35 25.44
N VAL A 138 -30.50 -6.05 24.33
CA VAL A 138 -29.16 -6.37 23.84
C VAL A 138 -29.00 -5.61 22.53
N LEU A 139 -28.09 -4.62 22.53
CA LEU A 139 -27.90 -3.67 21.44
C LEU A 139 -26.60 -4.00 20.73
N TYR A 140 -26.68 -4.39 19.45
CA TYR A 140 -25.52 -4.99 18.80
C TYR A 140 -25.58 -4.85 17.29
N THR A 141 -24.42 -5.01 16.66
CA THR A 141 -24.29 -4.92 15.20
C THR A 141 -24.69 -6.26 14.59
N VAL A 142 -25.92 -6.33 14.09
CA VAL A 142 -26.39 -7.53 13.41
C VAL A 142 -25.43 -7.89 12.28
N GLY A 143 -25.08 -9.16 12.20
CA GLY A 143 -24.31 -9.69 11.09
C GLY A 143 -22.84 -9.87 11.37
N ALA A 144 -22.29 -9.16 12.34
CA ALA A 144 -20.89 -9.30 12.70
C ALA A 144 -20.72 -10.49 13.62
N GLU A 145 -19.76 -11.35 13.30
CA GLU A 145 -19.58 -12.59 14.06
C GLU A 145 -19.32 -12.29 15.54
N ASN A 146 -18.50 -11.29 15.84
CA ASN A 146 -18.19 -11.08 17.25
C ASN A 146 -19.44 -10.65 18.03
N SER A 147 -20.21 -9.71 17.48
CA SER A 147 -21.43 -9.28 18.16
C SER A 147 -22.44 -10.41 18.28
N GLU A 148 -22.66 -11.16 17.19
CA GLU A 148 -23.62 -12.25 17.24
C GLU A 148 -23.21 -13.30 18.27
N SER A 149 -21.91 -13.58 18.40
CA SER A 149 -21.47 -14.56 19.37
C SER A 149 -21.59 -14.04 20.79
N ARG A 150 -21.32 -12.75 21.01
CA ARG A 150 -21.54 -12.18 22.33
C ARG A 150 -23.01 -12.28 22.72
N VAL A 151 -23.91 -12.00 21.77
CA VAL A 151 -25.33 -12.11 22.06
C VAL A 151 -25.69 -13.54 22.41
N GLN A 152 -25.17 -14.51 21.65
CA GLN A 152 -25.55 -15.90 21.91
C GLN A 152 -25.04 -16.37 23.26
N GLY A 153 -23.84 -15.97 23.65
CA GLY A 153 -23.33 -16.33 24.97
C GLY A 153 -24.17 -15.75 26.10
N PHE A 154 -24.55 -14.48 25.95
CA PHE A 154 -25.46 -13.84 26.91
C PHE A 154 -26.79 -14.57 26.98
N GLU A 155 -27.38 -14.86 25.81
CA GLU A 155 -28.68 -15.53 25.76
C GLU A 155 -28.63 -16.91 26.37
N ASP A 156 -27.58 -17.70 26.05
CA ASP A 156 -27.45 -19.03 26.61
C ASP A 156 -27.25 -18.98 28.13
N TRP A 157 -26.46 -18.02 28.62
CA TRP A 157 -26.23 -17.93 30.05
C TRP A 157 -27.55 -17.68 30.78
N CYS A 158 -28.35 -16.74 30.27
CA CYS A 158 -29.64 -16.43 30.89
C CYS A 158 -30.57 -17.63 30.84
N LYS A 159 -30.57 -18.37 29.72
CA LYS A 159 -31.44 -19.53 29.62
C LYS A 159 -31.08 -20.57 30.67
N GLN A 160 -29.78 -20.75 30.93
CA GLN A 160 -29.36 -21.78 31.86
C GLN A 160 -29.43 -21.33 33.31
N ASN A 161 -29.26 -20.03 33.57
CA ASN A 161 -29.03 -19.56 34.93
C ASN A 161 -30.02 -18.52 35.44
N ALA A 162 -30.85 -17.93 34.58
CA ALA A 162 -31.76 -16.87 35.00
C ALA A 162 -33.07 -17.02 34.23
N PRO A 163 -33.90 -17.98 34.64
CA PRO A 163 -35.13 -18.27 33.87
C PRO A 163 -36.13 -17.12 33.83
N GLU A 164 -36.09 -16.21 34.78
CA GLU A 164 -37.03 -15.09 34.80
C GLU A 164 -36.54 -13.89 33.99
N VAL A 165 -35.36 -13.97 33.39
CA VAL A 165 -34.84 -12.93 32.53
C VAL A 165 -35.17 -13.27 31.08
N SER A 166 -35.63 -12.27 30.33
CA SER A 166 -35.84 -12.41 28.90
C SER A 166 -35.07 -11.31 28.19
N LEU A 167 -34.88 -11.50 26.89
CA LEU A 167 -34.10 -10.58 26.07
C LEU A 167 -34.96 -9.87 25.04
N VAL A 168 -34.55 -8.64 24.70
CA VAL A 168 -35.01 -7.93 23.53
C VAL A 168 -33.79 -7.61 22.68
N LYS A 169 -33.76 -8.13 21.46
CA LYS A 169 -32.63 -7.89 20.57
C LYS A 169 -32.85 -6.61 19.78
N VAL A 170 -31.81 -5.76 19.74
CA VAL A 170 -31.91 -4.45 19.11
C VAL A 170 -30.69 -4.26 18.21
N ASN A 171 -30.94 -4.00 16.93
CA ASN A 171 -29.86 -3.78 15.97
C ASN A 171 -29.29 -2.37 16.17
N ASP A 172 -27.98 -2.27 16.38
CA ASP A 172 -27.35 -0.95 16.38
C ASP A 172 -26.91 -0.52 14.98
N ALA A 173 -26.98 -1.44 14.01
CA ALA A 173 -26.79 -1.13 12.59
C ALA A 173 -25.45 -0.50 12.30
N GLY A 174 -24.48 -0.63 13.21
CA GLY A 174 -23.19 0.01 13.01
C GLY A 174 -23.25 1.53 12.91
N ASP A 175 -24.32 2.15 13.41
CA ASP A 175 -24.58 3.58 13.21
C ASP A 175 -25.15 4.16 14.49
N THR A 176 -24.44 5.10 15.12
CA THR A 176 -24.84 5.54 16.45
C THR A 176 -26.19 6.24 16.45
N THR A 177 -26.53 6.95 15.36
CA THR A 177 -27.85 7.59 15.30
C THR A 177 -28.96 6.55 15.18
N VAL A 178 -28.81 5.60 14.25
CA VAL A 178 -29.82 4.56 14.08
C VAL A 178 -29.93 3.71 15.34
N ALA A 179 -28.78 3.44 15.99
CA ALA A 179 -28.78 2.62 17.18
C ALA A 179 -29.59 3.26 18.30
N ALA A 180 -29.39 4.56 18.52
CA ALA A 180 -30.15 5.25 19.57
C ALA A 180 -31.64 5.25 19.26
N ASP A 181 -32.01 5.46 17.99
CA ASP A 181 -33.41 5.40 17.60
C ASP A 181 -33.99 4.00 17.85
N ASN A 182 -33.24 2.96 17.49
CA ASN A 182 -33.75 1.60 17.62
C ASN A 182 -33.90 1.20 19.08
N LEU A 183 -32.94 1.59 19.93
CA LEU A 183 -33.11 1.32 21.35
C LEU A 183 -34.25 2.14 21.93
N ALA A 184 -34.37 3.40 21.53
CA ALA A 184 -35.48 4.22 22.00
C ALA A 184 -36.81 3.54 21.70
N ALA A 185 -36.94 2.97 20.50
CA ALA A 185 -38.18 2.30 20.13
C ALA A 185 -38.38 1.03 20.97
N ALA A 186 -37.31 0.29 21.23
CA ALA A 186 -37.42 -0.89 22.08
C ALA A 186 -37.89 -0.51 23.49
N LEU A 187 -37.32 0.56 24.06
CA LEU A 187 -37.74 0.99 25.40
C LEU A 187 -39.20 1.43 25.42
N GLN A 188 -39.66 2.08 24.34
CA GLN A 188 -41.05 2.52 24.28
C GLN A 188 -42.02 1.35 24.32
N ALA A 189 -41.68 0.26 23.64
CA ALA A 189 -42.61 -0.86 23.49
C ALA A 189 -42.51 -1.89 24.59
N ASN A 190 -41.45 -1.86 25.40
CA ASN A 190 -41.20 -2.89 26.41
C ASN A 190 -41.01 -2.28 27.79
N ASP A 191 -42.11 -2.14 28.52
CA ASP A 191 -42.07 -1.54 29.85
C ASP A 191 -41.25 -2.35 30.84
N ASP A 192 -40.99 -3.62 30.55
CA ASP A 192 -40.32 -4.49 31.51
C ASP A 192 -38.81 -4.51 31.33
N ILE A 193 -38.25 -3.72 30.43
CA ILE A 193 -36.79 -3.67 30.28
C ILE A 193 -36.20 -3.08 31.56
N VAL A 194 -35.22 -3.78 32.12
CA VAL A 194 -34.53 -3.36 33.33
C VAL A 194 -33.04 -3.13 33.14
N GLY A 195 -32.46 -3.58 32.02
CA GLY A 195 -31.04 -3.39 31.79
C GLY A 195 -30.76 -3.37 30.30
N VAL A 196 -29.56 -2.90 29.96
CA VAL A 196 -29.08 -2.85 28.59
C VAL A 196 -27.66 -3.40 28.54
N PHE A 197 -27.44 -4.35 27.65
CA PHE A 197 -26.11 -4.85 27.31
C PHE A 197 -25.72 -4.22 25.97
N CYS A 198 -24.77 -3.29 26.00
CA CYS A 198 -24.20 -2.71 24.79
C CYS A 198 -23.09 -3.67 24.35
N VAL A 199 -23.29 -4.33 23.21
CA VAL A 199 -22.46 -5.47 22.82
C VAL A 199 -21.18 -5.08 22.12
N ASP A 200 -21.11 -3.86 21.59
CA ASP A 200 -19.95 -3.42 20.83
C ASP A 200 -19.85 -1.90 20.98
N GLY A 201 -18.81 -1.33 20.38
CA GLY A 201 -18.48 0.07 20.64
C GLY A 201 -19.55 1.04 20.17
N VAL A 202 -20.18 0.75 19.02
CA VAL A 202 -21.29 1.58 18.55
C VAL A 202 -22.38 1.64 19.61
N ALA A 203 -22.74 0.48 20.16
CA ALA A 203 -23.79 0.41 21.17
C ALA A 203 -23.35 1.05 22.47
N GLY A 204 -22.05 1.01 22.77
CA GLY A 204 -21.55 1.61 23.99
C GLY A 204 -21.69 3.12 24.00
N THR A 205 -21.74 3.73 22.82
CA THR A 205 -22.04 5.15 22.67
C THR A 205 -23.54 5.41 22.59
N ALA A 206 -24.23 4.69 21.72
CA ALA A 206 -25.64 5.00 21.48
C ALA A 206 -26.54 4.55 22.62
N GLY A 207 -26.18 3.44 23.28
CA GLY A 207 -27.02 2.86 24.30
C GLY A 207 -27.27 3.82 25.46
N PRO A 208 -26.20 4.24 26.13
CA PRO A 208 -26.37 5.21 27.22
C PRO A 208 -27.09 6.48 26.79
N THR A 209 -26.87 6.93 25.55
CA THR A 209 -27.56 8.13 25.08
C THR A 209 -29.06 7.91 25.05
N ALA A 210 -29.51 6.80 24.44
CA ALA A 210 -30.93 6.51 24.38
C ALA A 210 -31.51 6.33 25.79
N VAL A 211 -30.75 5.69 26.68
CA VAL A 211 -31.25 5.46 28.03
C VAL A 211 -31.48 6.80 28.73
N ALA A 212 -30.49 7.69 28.65
CA ALA A 212 -30.62 9.00 29.27
C ALA A 212 -31.84 9.75 28.74
N GLU A 213 -32.06 9.71 27.42
CA GLU A 213 -33.19 10.44 26.85
C GLU A 213 -34.52 9.86 27.30
N SER A 214 -34.57 8.55 27.57
CA SER A 214 -35.79 7.93 28.07
C SER A 214 -36.07 8.32 29.52
N LYS A 215 -35.05 8.77 30.25
CA LYS A 215 -35.13 9.06 31.68
C LYS A 215 -35.39 7.83 32.52
N LYS A 216 -35.20 6.63 31.96
CA LYS A 216 -35.40 5.41 32.73
C LYS A 216 -34.14 5.09 33.54
N ASP A 217 -34.34 4.50 34.72
CA ASP A 217 -33.25 4.09 35.59
C ASP A 217 -32.96 2.62 35.32
N LEU A 218 -31.91 2.37 34.55
CA LEU A 218 -31.60 1.03 34.07
C LEU A 218 -30.15 0.68 34.39
N ARG A 219 -29.91 -0.62 34.55
CA ARG A 219 -28.56 -1.13 34.66
C ARG A 219 -27.97 -1.28 33.27
N VAL A 220 -26.76 -0.76 33.07
CA VAL A 220 -26.16 -0.71 31.74
C VAL A 220 -24.73 -1.20 31.80
N LEU A 221 -24.37 -2.17 30.94
CA LEU A 221 -23.00 -2.66 30.74
C LEU A 221 -22.61 -2.19 29.33
N ALA A 222 -21.61 -1.33 29.21
CA ALA A 222 -21.09 -0.83 27.94
C ALA A 222 -20.09 -1.83 27.33
N PHE A 223 -19.55 -1.52 26.16
CA PHE A 223 -18.41 -2.27 25.60
C PHE A 223 -17.33 -1.25 25.19
N ASP A 224 -16.06 -1.62 25.36
CA ASP A 224 -14.87 -0.85 24.96
C ASP A 224 -14.62 0.36 25.91
N VAL A 225 -13.58 1.11 25.62
CA VAL A 225 -13.05 2.06 26.59
C VAL A 225 -12.90 3.45 26.00
N ASP A 226 -13.83 3.84 25.13
CA ASP A 226 -13.95 5.25 24.77
C ASP A 226 -14.02 6.10 26.03
N VAL A 227 -13.33 7.24 26.00
CA VAL A 227 -13.27 8.10 27.18
C VAL A 227 -14.66 8.49 27.64
N THR A 228 -15.59 8.70 26.71
CA THR A 228 -16.96 9.04 27.09
C THR A 228 -17.61 7.88 27.86
N VAL A 229 -17.29 6.64 27.50
CA VAL A 229 -17.83 5.49 28.23
C VAL A 229 -17.17 5.38 29.60
N LEU A 230 -15.85 5.53 29.65
CA LEU A 230 -15.17 5.48 30.95
C LEU A 230 -15.72 6.54 31.89
N ASP A 231 -15.97 7.75 31.38
CA ASP A 231 -16.47 8.81 32.26
C ASP A 231 -17.83 8.44 32.84
N LYS A 232 -18.63 7.68 32.10
CA LYS A 232 -19.93 7.26 32.60
C LYS A 232 -19.83 6.13 33.62
N VAL A 233 -18.82 5.27 33.48
CA VAL A 233 -18.53 4.31 34.55
C VAL A 233 -18.11 5.05 35.80
N LYS A 234 -17.22 6.03 35.65
CA LYS A 234 -16.69 6.74 36.82
C LYS A 234 -17.78 7.50 37.56
N SER A 235 -18.74 8.07 36.83
CA SER A 235 -19.81 8.83 37.46
C SER A 235 -20.93 7.94 38.00
N GLY A 236 -20.97 6.67 37.61
CA GLY A 236 -22.08 5.81 37.96
C GLY A 236 -23.28 5.91 37.05
N GLU A 237 -23.17 6.68 35.95
CA GLU A 237 -24.28 6.72 35.00
C GLU A 237 -24.54 5.34 34.42
N ILE A 238 -23.49 4.58 34.14
CA ILE A 238 -23.60 3.18 33.76
C ILE A 238 -22.81 2.35 34.78
N ASP A 239 -23.02 1.04 34.72
CA ASP A 239 -22.48 0.15 35.74
C ASP A 239 -21.09 -0.38 35.41
N GLY A 240 -20.70 -0.39 34.15
CA GLY A 240 -19.39 -0.87 33.78
C GLY A 240 -19.24 -0.92 32.29
N THR A 241 -18.05 -1.35 31.87
CA THR A 241 -17.80 -1.63 30.46
C THR A 241 -16.84 -2.81 30.37
N VAL A 242 -16.62 -3.28 29.15
CA VAL A 242 -15.79 -4.45 28.88
C VAL A 242 -14.61 -4.02 28.02
N ALA A 243 -13.41 -4.22 28.53
CA ALA A 243 -12.19 -3.86 27.82
C ALA A 243 -11.63 -5.08 27.12
N GLN A 244 -11.27 -4.92 25.84
CA GLN A 244 -10.67 -5.97 25.04
C GLN A 244 -9.16 -5.75 24.91
N GLY A 245 -8.44 -6.82 24.58
CA GLY A 245 -7.01 -6.75 24.38
C GLY A 245 -6.65 -6.31 22.98
N MET A 246 -7.00 -5.06 22.67
CA MET A 246 -6.86 -4.52 21.33
C MET A 246 -5.42 -4.59 20.83
N TYR A 247 -4.49 -4.07 21.62
CA TYR A 247 -3.10 -4.02 21.20
C TYR A 247 -2.58 -5.41 20.88
N ASN A 248 -2.92 -6.40 21.72
CA ASN A 248 -2.38 -7.75 21.52
C ASN A 248 -2.98 -8.41 20.29
N MET A 249 -4.23 -8.11 19.95
CA MET A 249 -4.77 -8.56 18.68
C MET A 249 -3.87 -8.15 17.52
N GLY A 250 -3.45 -6.89 17.53
CA GLY A 250 -2.62 -6.40 16.44
C GLY A 250 -1.21 -6.96 16.48
N TYR A 251 -0.60 -6.93 17.67
CA TYR A 251 0.79 -7.36 17.80
C TYR A 251 0.95 -8.81 17.34
N TRP A 252 0.12 -9.71 17.87
CA TRP A 252 0.26 -11.13 17.56
C TRP A 252 -0.31 -11.50 16.20
N SER A 253 -1.24 -10.72 15.65
CA SER A 253 -1.61 -10.93 14.25
C SER A 253 -0.41 -10.72 13.34
N LEU A 254 0.37 -9.65 13.59
CA LEU A 254 1.55 -9.39 12.77
C LEU A 254 2.58 -10.51 12.93
N MET A 255 2.82 -10.95 14.18
CA MET A 255 3.81 -12.01 14.39
C MET A 255 3.40 -13.29 13.67
N MET A 256 2.12 -13.65 13.74
CA MET A 256 1.66 -14.86 13.05
C MET A 256 1.75 -14.70 11.55
N LEU A 257 1.34 -13.55 11.00
CA LEU A 257 1.38 -13.38 9.56
C LEU A 257 2.81 -13.48 9.04
N TYR A 258 3.75 -12.80 9.71
CA TYR A 258 5.13 -12.84 9.24
C TYR A 258 5.70 -14.25 9.33
N THR A 259 5.35 -14.97 10.39
CA THR A 259 5.84 -16.33 10.57
C THR A 259 5.37 -17.23 9.44
N GLU A 260 4.07 -17.16 9.12
CA GLU A 260 3.55 -17.99 8.05
C GLU A 260 4.09 -17.57 6.69
N ALA A 261 4.13 -16.26 6.42
CA ALA A 261 4.53 -15.80 5.10
C ALA A 261 5.98 -16.16 4.79
N ASN A 262 6.79 -16.35 5.82
CA ASN A 262 8.19 -16.68 5.64
C ASN A 262 8.51 -18.13 5.92
N GLY A 263 7.48 -18.96 6.12
CA GLY A 263 7.69 -20.38 6.32
C GLY A 263 8.56 -20.74 7.50
N LEU A 264 8.54 -19.94 8.56
CA LEU A 264 9.41 -20.19 9.70
C LEU A 264 8.89 -21.29 10.62
N SER A 265 7.60 -21.56 10.59
CA SER A 265 6.99 -22.61 11.39
C SER A 265 6.70 -23.82 10.50
N SER A 266 7.11 -25.01 10.96
CA SER A 266 6.91 -26.21 10.17
C SER A 266 5.44 -26.61 10.10
N LYS A 267 4.63 -26.13 11.04
CA LYS A 267 3.21 -26.46 11.09
C LYS A 267 2.38 -25.23 10.79
N ALA A 268 1.15 -25.47 10.36
CA ALA A 268 0.20 -24.37 10.19
C ALA A 268 -0.01 -23.67 11.52
N LEU A 269 -0.36 -22.39 11.44
CA LEU A 269 -0.50 -21.56 12.62
C LEU A 269 -1.53 -22.11 13.59
N PRO A 270 -1.34 -21.85 14.89
CA PRO A 270 -2.38 -22.19 15.86
C PRO A 270 -3.64 -21.40 15.61
N GLY A 271 -4.78 -22.00 15.91
CA GLY A 271 -6.05 -21.51 15.40
C GLY A 271 -6.68 -20.35 16.14
N ASN A 272 -6.35 -20.15 17.42
CA ASN A 272 -7.09 -19.17 18.22
C ASN A 272 -6.27 -18.63 19.37
N LEU A 273 -5.99 -17.33 19.32
CA LEU A 273 -5.41 -16.60 20.43
C LEU A 273 -6.52 -15.83 21.15
N ASP A 274 -6.69 -16.09 22.45
CA ASP A 274 -7.66 -15.39 23.28
C ASP A 274 -6.95 -14.19 23.90
N THR A 275 -7.28 -12.99 23.41
CA THR A 275 -6.65 -11.77 23.92
C THR A 275 -7.34 -11.20 25.16
N GLY A 276 -8.37 -11.84 25.69
CA GLY A 276 -8.88 -11.54 27.01
C GLY A 276 -9.85 -10.37 27.08
N VAL A 277 -10.67 -10.38 28.13
CA VAL A 277 -11.49 -9.23 28.49
C VAL A 277 -11.35 -8.96 29.99
N VAL A 278 -11.61 -7.70 30.35
CA VAL A 278 -11.63 -7.24 31.73
C VAL A 278 -12.91 -6.45 31.93
N ILE A 279 -13.63 -6.73 33.00
CA ILE A 279 -14.80 -5.92 33.37
C ILE A 279 -14.28 -4.66 34.05
N VAL A 280 -14.66 -3.50 33.52
CA VAL A 280 -14.21 -2.21 34.03
C VAL A 280 -15.32 -1.61 34.88
N THR A 281 -15.01 -1.36 36.14
CA THR A 281 -15.90 -0.72 37.10
C THR A 281 -15.20 0.51 37.66
N LYS A 282 -15.84 1.17 38.63
CA LYS A 282 -15.19 2.30 39.27
C LYS A 282 -13.82 1.93 39.84
N ASP A 283 -13.64 0.66 40.22
CA ASP A 283 -12.41 0.27 40.92
C ASP A 283 -11.19 0.34 40.01
N ASN A 284 -11.36 0.09 38.71
CA ASN A 284 -10.21 0.02 37.80
C ASN A 284 -10.36 0.92 36.59
N VAL A 285 -11.37 1.78 36.56
CA VAL A 285 -11.61 2.58 35.36
C VAL A 285 -10.44 3.52 35.08
N ASP A 286 -9.76 4.00 36.11
CA ASP A 286 -8.67 4.95 35.89
C ASP A 286 -7.56 4.34 35.06
N GLU A 287 -7.39 3.01 35.10
CA GLU A 287 -6.31 2.38 34.37
C GLU A 287 -6.48 2.48 32.85
N TYR A 288 -7.67 2.79 32.37
CA TYR A 288 -7.99 2.66 30.94
C TYR A 288 -8.05 3.99 30.21
N TYR A 289 -7.84 5.10 30.89
CA TYR A 289 -7.77 6.38 30.20
C TYR A 289 -6.46 6.48 29.42
N PRO A 290 -6.47 7.14 28.25
CA PRO A 290 -5.25 7.22 27.43
C PRO A 290 -4.08 7.87 28.16
N GLY B 4 21.85 13.53 -0.33
CA GLY B 4 21.88 13.26 -1.75
C GLY B 4 20.94 12.17 -2.22
N TYR B 5 21.41 11.34 -3.15
CA TYR B 5 20.60 10.32 -3.79
C TYR B 5 20.89 8.93 -3.24
N VAL B 6 21.26 8.85 -1.97
CA VAL B 6 21.38 7.57 -1.28
C VAL B 6 20.05 7.33 -0.59
N GLY B 7 19.21 6.50 -1.21
CA GLY B 7 17.87 6.31 -0.70
C GLY B 7 17.81 5.34 0.47
N ASP B 8 16.69 5.42 1.19
CA ASP B 8 16.37 4.54 2.31
C ASP B 8 15.23 3.63 1.87
N PRO B 9 15.36 2.30 1.95
CA PRO B 9 14.30 1.43 1.41
C PRO B 9 12.98 1.52 2.17
N SER B 10 12.96 2.10 3.36
CA SER B 10 11.70 2.33 4.06
C SER B 10 10.91 3.48 3.46
N ASP B 11 11.50 4.30 2.61
CA ASP B 11 10.79 5.40 1.97
C ASP B 11 10.15 4.90 0.68
N GLU B 12 8.84 5.13 0.57
CA GLU B 12 8.04 4.51 -0.47
C GLU B 12 7.53 5.54 -1.48
N TYR B 13 7.57 5.16 -2.75
CA TYR B 13 7.09 5.95 -3.87
C TYR B 13 6.09 5.11 -4.64
N TYR B 14 4.92 5.67 -4.90
CA TYR B 14 3.82 4.93 -5.52
C TYR B 14 3.54 5.40 -6.94
N MET B 15 3.27 4.44 -7.82
CA MET B 15 2.67 4.69 -9.14
C MET B 15 1.22 4.27 -9.06
N VAL B 16 0.30 5.16 -9.43
CA VAL B 16 -1.13 4.92 -9.30
C VAL B 16 -1.81 5.12 -10.65
N THR B 17 -2.57 4.11 -11.09
CA THR B 17 -3.10 4.10 -12.45
C THR B 17 -4.59 3.82 -12.47
N PHE B 18 -5.13 3.77 -13.69
CA PHE B 18 -6.46 3.25 -14.02
C PHE B 18 -6.26 2.19 -15.09
N LEU B 19 -7.29 1.37 -15.33
CA LEU B 19 -7.13 0.19 -16.16
C LEU B 19 -5.87 -0.56 -15.75
N SER B 20 -5.75 -0.81 -14.44
CA SER B 20 -4.46 -1.05 -13.81
C SER B 20 -3.79 -2.35 -14.24
N GLY B 21 -4.54 -3.29 -14.80
CA GLY B 21 -3.97 -4.56 -15.19
C GLY B 21 -3.38 -4.67 -16.58
N ILE B 22 -3.46 -3.63 -17.40
CA ILE B 22 -3.02 -3.78 -18.80
C ILE B 22 -1.50 -3.69 -18.88
N ASP B 23 -0.95 -4.27 -19.96
CA ASP B 23 0.50 -4.35 -20.12
C ASP B 23 1.14 -2.98 -20.22
N TYR B 24 0.43 -1.97 -20.75
CA TYR B 24 0.98 -0.63 -20.88
C TYR B 24 1.68 -0.17 -19.60
N TRP B 25 1.04 -0.40 -18.44
CA TRP B 25 1.62 0.08 -17.19
C TRP B 25 2.85 -0.70 -16.76
N LYS B 26 2.99 -1.95 -17.22
CA LYS B 26 4.16 -2.74 -16.85
C LYS B 26 5.43 -2.05 -17.32
N TYR B 27 5.39 -1.45 -18.51
CA TYR B 27 6.56 -0.73 -19.01
C TYR B 27 6.77 0.57 -18.25
N CYS B 28 5.70 1.28 -17.91
CA CYS B 28 5.84 2.48 -17.09
C CYS B 28 6.44 2.14 -15.73
N PHE B 29 5.97 1.07 -15.11
CA PHE B 29 6.45 0.75 -13.76
C PHE B 29 7.86 0.20 -13.80
N GLU B 30 8.26 -0.45 -14.90
CA GLU B 30 9.64 -0.90 -15.04
C GLU B 30 10.61 0.27 -14.91
N GLY B 31 10.32 1.39 -15.57
CA GLY B 31 11.19 2.55 -15.44
C GLY B 31 11.16 3.13 -14.04
N PHE B 32 9.98 3.22 -13.44
CA PHE B 32 9.80 3.72 -12.08
C PHE B 32 10.62 2.90 -11.10
N GLU B 33 10.55 1.57 -11.22
CA GLU B 33 11.27 0.65 -10.35
C GLU B 33 12.78 0.69 -10.59
N ASP B 34 13.19 0.82 -11.85
CA ASP B 34 14.61 0.91 -12.16
C ASP B 34 15.23 2.13 -11.50
N ALA B 35 14.55 3.28 -11.59
CA ALA B 35 15.06 4.48 -10.92
C ALA B 35 15.05 4.31 -9.42
N ALA B 36 13.98 3.74 -8.87
CA ALA B 36 13.92 3.51 -7.43
C ALA B 36 15.07 2.62 -6.96
N LYS B 37 15.39 1.58 -7.72
CA LYS B 37 16.50 0.70 -7.36
C LYS B 37 17.83 1.43 -7.43
N ALA B 38 18.02 2.27 -8.46
CA ALA B 38 19.26 3.02 -8.58
C ALA B 38 19.47 3.95 -7.39
N ILE B 39 18.39 4.57 -6.91
CA ILE B 39 18.49 5.47 -5.77
C ILE B 39 18.58 4.69 -4.47
N GLY B 40 17.78 3.66 -4.32
CA GLY B 40 17.70 2.90 -3.10
C GLY B 40 16.40 3.01 -2.32
N VAL B 41 15.33 3.48 -2.96
CA VAL B 41 14.03 3.61 -2.31
C VAL B 41 13.11 2.50 -2.82
N THR B 42 11.90 2.44 -2.29
CA THR B 42 10.97 1.34 -2.59
C THR B 42 9.84 1.87 -3.45
N ALA B 43 9.62 1.23 -4.60
CA ALA B 43 8.56 1.56 -5.52
C ALA B 43 7.38 0.62 -5.29
N LYS B 44 6.17 1.18 -5.33
CA LYS B 44 4.94 0.42 -5.19
C LYS B 44 4.00 0.78 -6.33
N TYR B 45 3.21 -0.20 -6.76
CA TYR B 45 2.26 -0.02 -7.85
C TYR B 45 0.86 -0.36 -7.38
N THR B 46 -0.12 0.44 -7.78
CA THR B 46 -1.52 0.03 -7.68
C THR B 46 -2.35 0.86 -8.64
N GLY B 47 -3.64 0.56 -8.70
CA GLY B 47 -4.54 1.36 -9.51
C GLY B 47 -5.95 0.83 -9.48
N GLN B 48 -6.82 1.57 -10.14
CA GLN B 48 -8.20 1.15 -10.38
C GLN B 48 -8.23 0.24 -11.60
N THR B 49 -8.96 -0.87 -11.48
CA THR B 49 -8.90 -1.90 -12.52
C THR B 49 -9.62 -1.45 -13.80
N ASP B 50 -10.59 -0.54 -13.70
CA ASP B 50 -11.32 -0.05 -14.86
C ASP B 50 -11.16 1.47 -14.96
N THR B 51 -12.14 2.17 -15.57
CA THR B 51 -12.07 3.62 -15.67
C THR B 51 -13.06 4.32 -14.73
N ASP B 52 -13.49 3.64 -13.67
CA ASP B 52 -14.44 4.24 -12.74
C ASP B 52 -13.77 5.40 -12.02
N VAL B 53 -14.38 6.59 -12.09
CA VAL B 53 -13.72 7.77 -11.54
C VAL B 53 -13.71 7.74 -10.02
N SER B 54 -14.88 7.51 -9.40
CA SER B 54 -14.91 7.46 -7.94
C SER B 54 -14.03 6.33 -7.43
N GLY B 55 -13.93 5.24 -8.18
CA GLY B 55 -13.00 4.18 -7.81
C GLY B 55 -11.57 4.65 -7.73
N GLN B 56 -11.09 5.33 -8.77
CA GLN B 56 -9.70 5.74 -8.76
C GLN B 56 -9.43 6.78 -7.66
N VAL B 57 -10.42 7.65 -7.39
CA VAL B 57 -10.28 8.59 -6.29
C VAL B 57 -10.08 7.84 -4.97
N ALA B 58 -10.88 6.80 -4.74
CA ALA B 58 -10.73 6.02 -3.51
C ALA B 58 -9.39 5.29 -3.47
N VAL B 59 -8.95 4.76 -4.60
CA VAL B 59 -7.63 4.12 -4.65
C VAL B 59 -6.55 5.12 -4.26
N LEU B 60 -6.60 6.33 -4.84
CA LEU B 60 -5.59 7.33 -4.53
C LEU B 60 -5.68 7.79 -3.07
N GLU B 61 -6.90 7.98 -2.56
CA GLU B 61 -7.05 8.37 -1.17
C GLU B 61 -6.42 7.32 -0.25
N GLN B 62 -6.57 6.03 -0.60
CA GLN B 62 -5.99 4.98 0.22
C GLN B 62 -4.47 5.03 0.20
N VAL B 63 -3.87 5.31 -0.97
CA VAL B 63 -2.43 5.45 -1.04
C VAL B 63 -1.97 6.63 -0.21
N ILE B 64 -2.69 7.76 -0.29
CA ILE B 64 -2.33 8.95 0.47
C ILE B 64 -2.34 8.64 1.97
N ALA B 65 -3.33 7.84 2.42
CA ALA B 65 -3.42 7.51 3.83
C ALA B 65 -2.24 6.69 4.32
N GLN B 66 -1.46 6.10 3.42
CA GLN B 66 -0.25 5.37 3.81
C GLN B 66 0.96 6.28 3.92
N LYS B 67 0.80 7.57 3.61
CA LYS B 67 1.84 8.58 3.82
C LYS B 67 3.12 8.21 3.08
N PRO B 68 3.06 7.95 1.78
CA PRO B 68 4.28 7.77 1.00
C PRO B 68 5.05 9.08 0.87
N LYS B 69 6.30 8.96 0.42
CA LYS B 69 7.09 10.15 0.14
C LYS B 69 6.63 10.83 -1.13
N GLY B 70 6.20 10.04 -2.12
CA GLY B 70 5.79 10.59 -3.40
C GLY B 70 4.81 9.69 -4.11
N ILE B 71 4.03 10.31 -4.99
CA ILE B 71 3.04 9.61 -5.80
C ILE B 71 3.15 10.13 -7.23
N ALA B 72 3.24 9.21 -8.19
CA ALA B 72 3.09 9.51 -9.61
C ALA B 72 1.75 8.93 -10.06
N VAL B 73 0.83 9.80 -10.47
CA VAL B 73 -0.53 9.37 -10.77
C VAL B 73 -0.89 9.78 -12.19
N THR B 74 -1.54 8.87 -12.90
CA THR B 74 -2.17 9.17 -14.18
C THR B 74 -3.68 9.24 -13.92
N ALA B 75 -4.28 10.36 -14.28
CA ALA B 75 -5.65 10.66 -13.88
C ALA B 75 -6.65 10.20 -14.94
N VAL B 76 -7.62 9.38 -14.52
CA VAL B 76 -8.61 8.87 -15.47
C VAL B 76 -9.54 9.96 -15.96
N ASN B 77 -9.66 11.05 -15.20
CA ASN B 77 -10.53 12.17 -15.54
C ASN B 77 -9.70 13.44 -15.36
N SER B 78 -9.91 14.41 -16.26
CA SER B 78 -9.07 15.60 -16.29
C SER B 78 -9.18 16.46 -15.05
N THR B 79 -10.28 16.37 -14.29
CA THR B 79 -10.42 17.19 -13.10
C THR B 79 -10.85 16.46 -11.84
N ALA B 80 -11.41 15.25 -11.92
CA ALA B 80 -12.04 14.66 -10.74
C ALA B 80 -11.04 14.23 -9.67
N LEU B 81 -9.75 14.15 -9.98
CA LEU B 81 -8.74 13.82 -8.97
C LEU B 81 -8.05 15.05 -8.40
N ALA B 82 -8.40 16.24 -8.87
CA ALA B 82 -7.62 17.43 -8.53
C ALA B 82 -7.65 17.72 -7.04
N ASP B 83 -8.81 17.61 -6.40
CA ASP B 83 -8.90 17.88 -4.98
C ASP B 83 -8.11 16.85 -4.18
N THR B 84 -8.11 15.60 -4.62
CA THR B 84 -7.39 14.54 -3.91
C THR B 84 -5.88 14.74 -4.05
N ILE B 85 -5.42 15.08 -5.25
CA ILE B 85 -4.02 15.42 -5.47
C ILE B 85 -3.62 16.58 -4.56
N ASN B 86 -4.45 17.62 -4.52
CA ASN B 86 -4.12 18.81 -3.73
C ASN B 86 -4.04 18.47 -2.25
N SER B 87 -4.92 17.58 -1.80
CA SER B 87 -4.89 17.18 -0.39
C SER B 87 -3.60 16.44 -0.06
N ALA B 88 -3.15 15.56 -0.96
CA ALA B 88 -1.89 14.85 -0.75
C ALA B 88 -0.73 15.84 -0.61
N ILE B 89 -0.67 16.84 -1.48
CA ILE B 89 0.37 17.85 -1.40
C ILE B 89 0.28 18.59 -0.07
N GLU B 90 -0.93 19.00 0.33
CA GLU B 90 -1.08 19.68 1.61
C GLU B 90 -0.63 18.78 2.76
N GLN B 91 -0.72 17.46 2.60
CA GLN B 91 -0.25 16.53 3.63
C GLN B 91 1.24 16.24 3.54
N GLY B 92 1.97 16.92 2.66
CA GLY B 92 3.41 16.78 2.60
C GLY B 92 3.92 15.74 1.63
N ILE B 93 3.04 15.15 0.83
CA ILE B 93 3.42 14.15 -0.16
C ILE B 93 3.72 14.85 -1.47
N SER B 94 4.85 14.51 -2.10
CA SER B 94 5.13 14.99 -3.44
C SER B 94 4.27 14.25 -4.46
N VAL B 95 3.72 15.00 -5.41
CA VAL B 95 2.87 14.41 -6.45
C VAL B 95 3.25 14.99 -7.81
N VAL B 96 3.47 14.11 -8.78
CA VAL B 96 3.54 14.47 -10.19
C VAL B 96 2.47 13.65 -10.91
N CYS B 97 2.07 14.14 -12.08
CA CYS B 97 1.24 13.38 -12.99
C CYS B 97 2.09 12.83 -14.13
N PHE B 98 1.78 11.60 -14.54
CA PHE B 98 2.39 11.01 -15.73
C PHE B 98 1.28 10.44 -16.59
N ASP B 99 1.56 10.40 -17.89
CA ASP B 99 0.72 9.77 -18.91
C ASP B 99 -0.58 10.51 -19.21
N SER B 100 -1.38 10.79 -18.18
CA SER B 100 -2.60 11.58 -18.35
C SER B 100 -2.67 12.59 -17.22
N ASP B 101 -2.78 13.87 -17.57
CA ASP B 101 -2.56 14.94 -16.59
C ASP B 101 -3.83 15.30 -15.84
N SER B 102 -3.62 15.96 -14.69
CA SER B 102 -4.67 16.64 -13.92
C SER B 102 -4.23 18.10 -13.86
N PRO B 103 -4.43 18.86 -14.96
CA PRO B 103 -3.72 20.14 -15.08
C PRO B 103 -4.27 21.26 -14.22
N THR B 104 -5.46 21.12 -13.65
CA THR B 104 -5.96 22.12 -12.72
C THR B 104 -5.49 21.86 -11.29
N SER B 105 -4.84 20.73 -11.03
CA SER B 105 -4.36 20.41 -9.70
C SER B 105 -3.01 21.08 -9.44
N ASN B 106 -2.52 20.96 -8.22
CA ASN B 106 -1.24 21.52 -7.84
C ASN B 106 -0.08 20.56 -8.05
N ARG B 107 -0.27 19.49 -8.81
CA ARG B 107 0.83 18.58 -9.09
C ARG B 107 2.02 19.35 -9.65
N SER B 108 3.22 18.89 -9.32
CA SER B 108 4.41 19.68 -9.59
C SER B 108 4.84 19.63 -11.05
N ALA B 109 4.57 18.53 -11.74
CA ALA B 109 5.08 18.33 -13.08
C ALA B 109 4.19 17.31 -13.78
N TYR B 110 4.17 17.38 -15.10
CA TYR B 110 3.59 16.35 -15.96
C TYR B 110 4.72 15.69 -16.75
N LEU B 111 4.73 14.37 -16.79
CA LEU B 111 5.71 13.62 -17.54
C LEU B 111 4.98 12.66 -18.45
N GLY B 112 5.15 12.81 -19.76
CA GLY B 112 4.45 11.93 -20.67
C GLY B 112 4.39 12.50 -22.07
N THR B 113 3.53 11.88 -22.87
CA THR B 113 3.34 12.29 -24.24
C THR B 113 2.80 13.71 -24.30
N GLY B 114 3.31 14.48 -25.27
CA GLY B 114 2.66 15.73 -25.63
C GLY B 114 1.41 15.41 -26.42
N ASN B 115 0.29 15.32 -25.72
CA ASN B 115 -0.88 14.64 -26.28
C ASN B 115 -1.53 15.45 -27.40
N TYR B 116 -1.61 16.77 -27.25
CA TYR B 116 -2.14 17.58 -28.34
C TYR B 116 -1.29 17.43 -29.60
N ALA B 117 0.03 17.53 -29.44
CA ALA B 117 0.91 17.41 -30.59
C ALA B 117 0.85 16.02 -31.20
N ALA B 118 0.67 14.99 -30.37
CA ALA B 118 0.55 13.63 -30.89
C ALA B 118 -0.70 13.49 -31.74
N GLY B 119 -1.79 14.17 -31.35
CA GLY B 119 -2.98 14.20 -32.19
C GLY B 119 -2.75 14.89 -33.52
N GLN B 120 -1.98 15.98 -33.51
CA GLN B 120 -1.58 16.60 -34.77
C GLN B 120 -0.75 15.64 -35.61
N LYS B 121 0.23 15.00 -34.98
CA LYS B 121 1.06 14.02 -35.67
C LYS B 121 0.22 12.90 -36.24
N ALA B 122 -0.78 12.44 -35.49
CA ALA B 122 -1.67 11.39 -35.97
C ALA B 122 -2.44 11.82 -37.21
N ALA B 123 -2.89 13.07 -37.25
CA ALA B 123 -3.61 13.57 -38.41
C ALA B 123 -2.67 13.73 -39.61
N GLU B 124 -1.44 14.20 -39.38
CA GLU B 124 -0.46 14.28 -40.46
C GLU B 124 -0.23 12.91 -41.08
N PHE B 125 -0.37 11.85 -40.29
CA PHE B 125 -0.18 10.49 -40.80
C PHE B 125 -1.41 9.98 -41.54
N LEU B 126 -2.59 10.14 -40.95
CA LEU B 126 -3.79 9.47 -41.45
C LEU B 126 -4.48 10.23 -42.56
N VAL B 127 -4.47 11.57 -42.52
CA VAL B 127 -5.24 12.34 -43.50
C VAL B 127 -4.71 12.09 -44.91
N PRO B 128 -3.41 12.11 -45.18
CA PRO B 128 -2.95 11.81 -46.56
C PRO B 128 -3.35 10.42 -47.02
N LEU B 129 -3.44 9.46 -46.09
CA LEU B 129 -3.80 8.10 -46.46
C LEU B 129 -5.25 8.02 -46.93
N VAL B 130 -6.11 8.94 -46.50
CA VAL B 130 -7.49 8.99 -46.99
C VAL B 130 -7.65 10.13 -48.00
N ASN B 131 -6.56 10.58 -48.61
CA ASN B 131 -6.58 11.53 -49.72
C ASN B 131 -7.34 12.81 -49.36
N TYR B 132 -7.21 13.23 -48.11
CA TYR B 132 -7.67 14.55 -47.65
C TYR B 132 -9.17 14.73 -47.82
N LYS B 133 -9.95 13.66 -47.70
CA LYS B 133 -11.39 13.78 -47.81
C LYS B 133 -12.04 12.61 -47.09
N GLY B 134 -13.30 12.81 -46.69
CA GLY B 134 -14.06 11.79 -45.99
C GLY B 134 -14.06 12.01 -44.49
N LYS B 135 -14.75 11.11 -43.81
CA LYS B 135 -14.90 11.19 -42.37
C LYS B 135 -13.93 10.24 -41.67
N ILE B 136 -13.33 10.72 -40.58
CA ILE B 136 -12.48 9.90 -39.73
C ILE B 136 -13.20 9.68 -38.41
N ALA B 137 -13.40 8.41 -38.06
CA ALA B 137 -13.89 8.07 -36.71
C ALA B 137 -12.74 8.17 -35.72
N VAL B 138 -12.97 8.85 -34.61
CA VAL B 138 -11.96 9.01 -33.57
C VAL B 138 -12.48 8.30 -32.32
N LEU B 139 -11.82 7.21 -31.93
CA LEU B 139 -12.26 6.30 -30.89
C LEU B 139 -11.37 6.52 -29.67
N TYR B 140 -11.97 6.95 -28.55
CA TYR B 140 -11.16 7.46 -27.45
C TYR B 140 -11.90 7.39 -26.13
N THR B 141 -11.13 7.44 -25.04
CA THR B 141 -11.69 7.38 -23.69
C THR B 141 -12.16 8.78 -23.29
N VAL B 142 -13.48 9.02 -23.38
CA VAL B 142 -14.02 10.30 -22.97
C VAL B 142 -13.64 10.58 -21.52
N GLY B 143 -13.21 11.82 -21.26
CA GLY B 143 -12.94 12.29 -19.92
C GLY B 143 -11.47 12.30 -19.52
N ALA B 144 -10.66 11.45 -20.15
CA ALA B 144 -9.25 11.38 -19.84
C ALA B 144 -8.52 12.51 -20.55
N GLU B 145 -7.70 13.25 -19.80
CA GLU B 145 -7.04 14.41 -20.39
C GLU B 145 -6.21 14.04 -21.60
N ASN B 146 -5.48 12.91 -21.53
CA ASN B 146 -4.58 12.60 -22.64
C ASN B 146 -5.39 12.30 -23.90
N SER B 147 -6.44 11.48 -23.78
CA SER B 147 -7.29 11.18 -24.92
C SER B 147 -7.96 12.44 -25.46
N GLU B 148 -8.52 13.27 -24.57
CA GLU B 148 -9.22 14.47 -25.02
C GLU B 148 -8.27 15.42 -25.76
N SER B 149 -7.02 15.54 -25.28
CA SER B 149 -6.06 16.42 -25.94
C SER B 149 -5.62 15.84 -27.28
N ARG B 150 -5.45 14.52 -27.37
CA ARG B 150 -5.13 13.91 -28.65
C ARG B 150 -6.23 14.17 -29.67
N VAL B 151 -7.49 14.04 -29.26
CA VAL B 151 -8.59 14.34 -30.15
C VAL B 151 -8.55 15.79 -30.59
N GLN B 152 -8.31 16.70 -29.64
CA GLN B 152 -8.34 18.12 -29.99
C GLN B 152 -7.23 18.46 -30.97
N GLY B 153 -6.04 17.88 -30.79
CA GLY B 153 -4.96 18.12 -31.72
C GLY B 153 -5.27 17.61 -33.11
N PHE B 154 -5.88 16.42 -33.20
CA PHE B 154 -6.31 15.88 -34.48
C PHE B 154 -7.36 16.77 -35.12
N GLU B 155 -8.37 17.17 -34.36
CA GLU B 155 -9.45 17.99 -34.88
C GLU B 155 -8.94 19.34 -35.37
N ASP B 156 -8.07 19.99 -34.58
CA ASP B 156 -7.54 21.28 -34.98
C ASP B 156 -6.69 21.16 -36.24
N TRP B 157 -5.87 20.11 -36.35
CA TRP B 157 -5.04 19.94 -37.54
C TRP B 157 -5.93 19.80 -38.78
N CYS B 158 -6.97 18.99 -38.69
CA CYS B 158 -7.87 18.81 -39.83
C CYS B 158 -8.57 20.12 -40.19
N LYS B 159 -8.98 20.90 -39.19
CA LYS B 159 -9.66 22.15 -39.48
C LYS B 159 -8.73 23.11 -40.20
N GLN B 160 -7.45 23.09 -39.87
CA GLN B 160 -6.50 24.04 -40.47
C GLN B 160 -5.96 23.53 -41.81
N ASN B 161 -5.84 22.21 -41.98
CA ASN B 161 -5.10 21.65 -43.10
C ASN B 161 -5.90 20.74 -44.02
N ALA B 162 -7.10 20.33 -43.64
CA ALA B 162 -7.86 19.34 -44.40
C ALA B 162 -9.34 19.68 -44.34
N PRO B 163 -9.76 20.73 -45.05
CA PRO B 163 -11.14 21.22 -44.90
C PRO B 163 -12.20 20.24 -45.36
N GLU B 164 -11.88 19.25 -46.20
CA GLU B 164 -12.88 18.30 -46.66
C GLU B 164 -12.94 17.05 -45.78
N VAL B 165 -12.13 16.99 -44.74
CA VAL B 165 -12.21 15.92 -43.75
C VAL B 165 -13.13 16.36 -42.62
N SER B 166 -13.97 15.45 -42.16
CA SER B 166 -14.78 15.68 -40.96
C SER B 166 -14.57 14.50 -40.02
N LEU B 167 -14.94 14.71 -38.75
CA LEU B 167 -14.72 13.73 -37.70
C LEU B 167 -16.04 13.19 -37.15
N VAL B 168 -15.99 11.94 -36.69
CA VAL B 168 -17.06 11.35 -35.90
C VAL B 168 -16.43 10.89 -34.59
N LYS B 169 -16.89 11.45 -33.47
CA LYS B 169 -16.30 11.15 -32.17
C LYS B 169 -16.99 9.93 -31.57
N VAL B 170 -16.19 8.96 -31.12
CA VAL B 170 -16.73 7.70 -30.62
C VAL B 170 -16.10 7.38 -29.27
N ASN B 171 -16.92 7.20 -28.25
CA ASN B 171 -16.42 6.88 -26.92
C ASN B 171 -16.03 5.41 -26.83
N ASP B 172 -14.79 5.13 -26.42
CA ASP B 172 -14.40 3.74 -26.16
C ASP B 172 -14.69 3.34 -24.72
N ALA B 173 -15.09 4.28 -23.87
CA ALA B 173 -15.58 4.03 -22.52
C ALA B 173 -14.60 3.24 -21.67
N GLY B 174 -13.33 3.19 -22.07
CA GLY B 174 -12.35 2.41 -21.33
C GLY B 174 -12.69 0.94 -21.25
N ASP B 175 -13.46 0.41 -22.19
CA ASP B 175 -13.98 -0.95 -22.16
C ASP B 175 -13.99 -1.48 -23.58
N THR B 176 -13.21 -2.53 -23.85
CA THR B 176 -13.02 -2.93 -25.24
C THR B 176 -14.30 -3.50 -25.87
N THR B 177 -15.18 -4.11 -25.07
CA THR B 177 -16.44 -4.59 -25.61
C THR B 177 -17.36 -3.43 -25.99
N VAL B 178 -17.53 -2.48 -25.07
CA VAL B 178 -18.34 -1.31 -25.34
C VAL B 178 -17.76 -0.51 -26.50
N ALA B 179 -16.44 -0.35 -26.51
CA ALA B 179 -15.78 0.42 -27.57
C ALA B 179 -16.07 -0.17 -28.94
N ALA B 180 -16.02 -1.50 -29.05
CA ALA B 180 -16.29 -2.14 -30.34
C ALA B 180 -17.75 -1.95 -30.75
N ASP B 181 -18.68 -2.07 -29.79
CA ASP B 181 -20.08 -1.81 -30.09
C ASP B 181 -20.29 -0.37 -30.53
N ASN B 182 -19.61 0.58 -29.88
CA ASN B 182 -19.82 1.98 -30.22
C ASN B 182 -19.23 2.32 -31.59
N LEU B 183 -18.06 1.79 -31.91
CA LEU B 183 -17.53 2.02 -33.25
C LEU B 183 -18.37 1.33 -34.32
N ALA B 184 -18.84 0.11 -34.01
CA ALA B 184 -19.73 -0.57 -34.95
C ALA B 184 -20.95 0.27 -35.28
N ALA B 185 -21.55 0.89 -34.26
CA ALA B 185 -22.71 1.74 -34.48
C ALA B 185 -22.36 2.98 -35.29
N ALA B 186 -21.19 3.57 -35.04
CA ALA B 186 -20.77 4.72 -35.83
C ALA B 186 -20.59 4.36 -37.29
N LEU B 187 -20.00 3.19 -37.56
CA LEU B 187 -19.80 2.77 -38.95
C LEU B 187 -21.14 2.50 -39.63
N GLN B 188 -22.11 1.97 -38.89
CA GLN B 188 -23.42 1.70 -39.49
C GLN B 188 -24.11 2.99 -39.94
N ALA B 189 -23.97 4.06 -39.17
CA ALA B 189 -24.72 5.28 -39.43
C ALA B 189 -23.98 6.26 -40.33
N ASN B 190 -22.68 6.07 -40.57
CA ASN B 190 -21.88 7.02 -41.33
C ASN B 190 -21.16 6.32 -42.48
N ASP B 191 -21.84 6.28 -43.63
CA ASP B 191 -21.29 5.66 -44.84
C ASP B 191 -20.02 6.31 -45.33
N ASP B 192 -19.76 7.55 -44.92
CA ASP B 192 -18.62 8.29 -45.45
C ASP B 192 -17.36 8.15 -44.60
N ILE B 193 -17.38 7.32 -43.55
CA ILE B 193 -16.15 7.10 -42.80
C ILE B 193 -15.15 6.39 -43.69
N VAL B 194 -13.93 6.92 -43.73
CA VAL B 194 -12.83 6.36 -44.52
C VAL B 194 -11.65 5.95 -43.67
N GLY B 195 -11.61 6.34 -42.40
CA GLY B 195 -10.47 6.03 -41.56
C GLY B 195 -10.86 6.05 -40.10
N VAL B 196 -9.99 5.47 -39.28
CA VAL B 196 -10.20 5.39 -37.85
C VAL B 196 -8.90 5.74 -37.15
N PHE B 197 -8.96 6.71 -36.24
CA PHE B 197 -7.86 7.03 -35.33
C PHE B 197 -8.22 6.39 -33.99
N CYS B 198 -7.50 5.34 -33.61
CA CYS B 198 -7.62 4.76 -32.27
C CYS B 198 -6.71 5.57 -31.34
N VAL B 199 -7.32 6.30 -30.40
CA VAL B 199 -6.61 7.33 -29.65
C VAL B 199 -5.87 6.83 -28.43
N ASP B 200 -6.21 5.64 -27.92
CA ASP B 200 -5.57 5.08 -26.74
C ASP B 200 -5.59 3.56 -26.87
N GLY B 201 -5.00 2.88 -25.89
CA GLY B 201 -4.79 1.44 -26.00
C GLY B 201 -6.08 0.65 -26.08
N VAL B 202 -7.10 1.07 -25.33
CA VAL B 202 -8.40 0.40 -25.44
C VAL B 202 -8.92 0.47 -26.86
N ALA B 203 -8.82 1.64 -27.50
CA ALA B 203 -9.26 1.79 -28.88
C ALA B 203 -8.37 1.04 -29.84
N GLY B 204 -7.08 0.91 -29.53
CA GLY B 204 -6.17 0.17 -30.39
C GLY B 204 -6.50 -1.29 -30.50
N THR B 205 -7.18 -1.84 -29.49
CA THR B 205 -7.72 -3.19 -29.54
C THR B 205 -9.11 -3.22 -30.15
N ALA B 206 -10.01 -2.37 -29.67
CA ALA B 206 -11.41 -2.47 -30.06
C ALA B 206 -11.61 -2.01 -31.50
N GLY B 207 -10.87 -0.99 -31.92
CA GLY B 207 -11.06 -0.38 -33.22
C GLY B 207 -10.89 -1.34 -34.37
N PRO B 208 -9.70 -1.95 -34.48
CA PRO B 208 -9.49 -2.91 -35.57
C PRO B 208 -10.48 -4.07 -35.55
N THR B 209 -10.91 -4.50 -34.35
CA THR B 209 -11.90 -5.58 -34.27
C THR B 209 -13.22 -5.18 -34.91
N ALA B 210 -13.73 -4.00 -34.57
CA ALA B 210 -14.99 -3.55 -35.16
C ALA B 210 -14.84 -3.32 -36.65
N VAL B 211 -13.70 -2.77 -37.09
CA VAL B 211 -13.48 -2.57 -38.51
C VAL B 211 -13.49 -3.90 -39.24
N ALA B 212 -12.76 -4.89 -38.72
CA ALA B 212 -12.75 -6.21 -39.34
C ALA B 212 -14.16 -6.79 -39.42
N GLU B 213 -14.94 -6.65 -38.34
CA GLU B 213 -16.30 -7.18 -38.33
C GLU B 213 -17.18 -6.48 -39.37
N SER B 214 -16.94 -5.19 -39.59
CA SER B 214 -17.73 -4.45 -40.57
C SER B 214 -17.39 -4.84 -42.00
N LYS B 215 -16.23 -5.47 -42.20
CA LYS B 215 -15.71 -5.83 -43.52
C LYS B 215 -15.40 -4.61 -44.39
N LYS B 216 -15.33 -3.42 -43.80
CA LYS B 216 -14.99 -2.22 -44.55
C LYS B 216 -13.47 -2.11 -44.68
N ASP B 217 -13.03 -1.54 -45.80
CA ASP B 217 -11.61 -1.30 -46.07
C ASP B 217 -11.32 0.14 -45.67
N LEU B 218 -10.70 0.32 -44.51
CA LEU B 218 -10.48 1.63 -43.93
C LEU B 218 -9.01 1.80 -43.57
N ARG B 219 -8.56 3.04 -43.58
CA ARG B 219 -7.23 3.37 -43.07
C ARG B 219 -7.34 3.49 -41.55
N VAL B 220 -6.41 2.85 -40.84
CA VAL B 220 -6.49 2.76 -39.39
C VAL B 220 -5.13 3.08 -38.78
N LEU B 221 -5.10 4.04 -37.83
CA LEU B 221 -3.91 4.34 -37.01
C LEU B 221 -4.27 3.88 -35.58
N ALA B 222 -3.56 2.89 -35.06
CA ALA B 222 -3.73 2.36 -33.70
C ALA B 222 -3.01 3.26 -32.67
N PHE B 223 -3.08 2.92 -31.39
CA PHE B 223 -2.23 3.55 -30.35
C PHE B 223 -1.57 2.43 -29.54
N ASP B 224 -0.33 2.63 -29.12
CA ASP B 224 0.47 1.73 -28.26
C ASP B 224 0.95 0.47 -29.02
N VAL B 225 1.63 -0.40 -28.30
CA VAL B 225 2.43 -1.44 -28.93
C VAL B 225 2.12 -2.82 -28.38
N ASP B 226 0.85 -3.06 -28.02
CA ASP B 226 0.40 -4.42 -27.80
C ASP B 226 0.82 -5.29 -28.98
N VAL B 227 1.26 -6.51 -28.68
CA VAL B 227 1.75 -7.40 -29.73
C VAL B 227 0.68 -7.64 -30.78
N THR B 228 -0.58 -7.72 -30.35
CA THR B 228 -1.66 -7.92 -31.32
C THR B 228 -1.77 -6.75 -32.28
N VAL B 229 -1.50 -5.54 -31.79
CA VAL B 229 -1.51 -4.36 -32.65
C VAL B 229 -0.31 -4.37 -33.58
N LEU B 230 0.88 -4.66 -33.05
CA LEU B 230 2.06 -4.73 -33.89
C LEU B 230 1.88 -5.74 -35.01
N ASP B 231 1.30 -6.91 -34.70
CA ASP B 231 1.08 -7.91 -35.74
C ASP B 231 0.17 -7.38 -36.84
N LYS B 232 -0.79 -6.53 -36.51
CA LYS B 232 -1.68 -5.95 -37.51
C LYS B 232 -0.98 -4.86 -38.33
N VAL B 233 -0.02 -4.15 -37.74
CA VAL B 233 0.85 -3.29 -38.54
C VAL B 233 1.67 -4.12 -39.50
N LYS B 234 2.29 -5.19 -39.00
CA LYS B 234 3.20 -5.99 -39.82
C LYS B 234 2.46 -6.64 -40.99
N SER B 235 1.21 -7.05 -40.77
CA SER B 235 0.45 -7.74 -41.81
C SER B 235 -0.18 -6.77 -42.80
N GLY B 236 -0.23 -5.49 -42.48
CA GLY B 236 -0.93 -4.52 -43.29
C GLY B 236 -2.40 -4.41 -43.00
N GLU B 237 -2.92 -5.12 -41.99
CA GLU B 237 -4.33 -4.99 -41.64
C GLU B 237 -4.65 -3.55 -41.23
N ILE B 238 -3.74 -2.93 -40.49
CA ILE B 238 -3.84 -1.50 -40.17
C ILE B 238 -2.56 -0.83 -40.68
N ASP B 239 -2.58 0.51 -40.69
CA ASP B 239 -1.53 1.28 -41.33
C ASP B 239 -0.40 1.67 -40.38
N GLY B 240 -0.67 1.73 -39.08
CA GLY B 240 0.41 2.03 -38.15
C GLY B 240 -0.14 2.09 -36.74
N THR B 241 0.77 2.38 -35.81
CA THR B 241 0.39 2.67 -34.44
C THR B 241 1.35 3.72 -33.91
N VAL B 242 1.07 4.21 -32.71
CA VAL B 242 1.85 5.27 -32.09
C VAL B 242 2.46 4.71 -30.80
N ALA B 243 3.79 4.75 -30.72
CA ALA B 243 4.49 4.25 -29.54
C ALA B 243 4.85 5.42 -28.62
N GLN B 244 4.57 5.26 -27.33
CA GLN B 244 4.87 6.26 -26.32
C GLN B 244 6.09 5.86 -25.50
N GLY B 245 6.70 6.85 -24.84
CA GLY B 245 7.87 6.63 -24.01
C GLY B 245 7.50 6.20 -22.60
N MET B 246 6.92 5.00 -22.49
CA MET B 246 6.34 4.55 -21.24
C MET B 246 7.40 4.41 -20.15
N TYR B 247 8.51 3.75 -20.47
CA TYR B 247 9.55 3.52 -19.48
C TYR B 247 10.09 4.85 -18.94
N ASN B 248 10.27 5.83 -19.82
CA ASN B 248 10.83 7.10 -19.38
C ASN B 248 9.83 7.90 -18.54
N MET B 249 8.52 7.75 -18.78
CA MET B 249 7.56 8.38 -17.88
C MET B 249 7.77 7.89 -16.44
N GLY B 250 7.92 6.58 -16.28
CA GLY B 250 8.12 6.03 -14.95
C GLY B 250 9.47 6.41 -14.36
N TYR B 251 10.54 6.24 -15.14
CA TYR B 251 11.88 6.49 -14.62
C TYR B 251 12.01 7.93 -14.11
N TRP B 252 11.63 8.90 -14.95
CA TRP B 252 11.84 10.30 -14.59
C TRP B 252 10.78 10.80 -13.61
N SER B 253 9.61 10.18 -13.54
CA SER B 253 8.70 10.52 -12.45
C SER B 253 9.32 10.20 -11.09
N LEU B 254 9.94 9.02 -10.97
CA LEU B 254 10.59 8.68 -9.70
C LEU B 254 11.71 9.65 -9.39
N MET B 255 12.57 9.95 -10.38
CA MET B 255 13.68 10.87 -10.14
C MET B 255 13.17 12.22 -9.65
N MET B 256 12.13 12.75 -10.29
CA MET B 256 11.58 14.03 -9.88
C MET B 256 10.97 13.96 -8.49
N LEU B 257 10.19 12.90 -8.20
CA LEU B 257 9.55 12.80 -6.89
C LEU B 257 10.59 12.72 -5.77
N TYR B 258 11.61 11.89 -5.93
CA TYR B 258 12.65 11.79 -4.91
C TYR B 258 13.37 13.12 -4.72
N THR B 259 13.65 13.81 -5.83
CA THR B 259 14.34 15.08 -5.76
C THR B 259 13.53 16.09 -4.96
N GLU B 260 12.23 16.20 -5.27
CA GLU B 260 11.37 17.12 -4.53
C GLU B 260 11.21 16.69 -3.07
N ALA B 261 10.94 15.40 -2.84
CA ALA B 261 10.64 14.95 -1.48
C ALA B 261 11.84 15.17 -0.55
N ASN B 262 13.04 15.21 -1.10
CA ASN B 262 14.25 15.35 -0.29
C ASN B 262 14.84 16.75 -0.36
N GLY B 263 14.16 17.69 -0.99
CA GLY B 263 14.60 19.07 -1.01
C GLY B 263 15.92 19.29 -1.70
N LEU B 264 16.27 18.46 -2.67
CA LEU B 264 17.59 18.55 -3.28
C LEU B 264 17.68 19.66 -4.32
N SER B 265 16.55 20.10 -4.87
CA SER B 265 16.51 21.18 -5.83
C SER B 265 16.01 22.45 -5.15
N SER B 266 16.73 23.55 -5.32
CA SER B 266 16.35 24.81 -4.70
C SER B 266 15.06 25.39 -5.30
N LYS B 267 14.72 24.99 -6.51
CA LYS B 267 13.54 25.49 -7.20
C LYS B 267 12.51 24.38 -7.34
N ALA B 268 11.25 24.79 -7.55
CA ALA B 268 10.21 23.82 -7.85
C ALA B 268 10.56 23.07 -9.13
N LEU B 269 10.07 21.84 -9.21
CA LEU B 269 10.35 20.97 -10.33
C LEU B 269 9.95 21.61 -11.66
N PRO B 270 10.66 21.26 -12.75
CA PRO B 270 10.23 21.70 -14.08
C PRO B 270 8.89 21.09 -14.45
N GLY B 271 8.13 21.84 -15.25
CA GLY B 271 6.71 21.55 -15.40
C GLY B 271 6.35 20.42 -16.35
N ASN B 272 7.18 20.13 -17.35
CA ASN B 272 6.73 19.23 -18.40
C ASN B 272 7.89 18.53 -19.10
N LEU B 273 7.96 17.22 -18.92
CA LEU B 273 8.88 16.36 -19.64
C LEU B 273 8.14 15.67 -20.78
N ASP B 274 8.61 15.88 -22.01
CA ASP B 274 8.03 15.25 -23.20
C ASP B 274 8.75 13.94 -23.47
N THR B 275 8.10 12.82 -23.17
CA THR B 275 8.71 11.51 -23.35
C THR B 275 8.57 10.97 -24.77
N GLY B 276 7.99 11.75 -25.69
CA GLY B 276 8.10 11.48 -27.12
C GLY B 276 7.12 10.43 -27.62
N VAL B 277 6.87 10.50 -28.94
CA VAL B 277 6.13 9.45 -29.64
C VAL B 277 6.87 9.10 -30.93
N VAL B 278 6.69 7.86 -31.37
CA VAL B 278 7.20 7.37 -32.64
C VAL B 278 6.04 6.74 -33.40
N ILE B 279 5.90 7.08 -34.67
CA ILE B 279 4.95 6.42 -35.56
C ILE B 279 5.55 5.08 -35.98
N VAL B 280 4.81 4.00 -35.74
CA VAL B 280 5.28 2.65 -36.00
C VAL B 280 4.59 2.15 -37.27
N THR B 281 5.40 1.86 -38.29
CA THR B 281 4.95 1.28 -39.56
C THR B 281 5.68 -0.05 -39.78
N LYS B 282 5.47 -0.65 -40.96
CA LYS B 282 6.17 -1.90 -41.26
C LYS B 282 7.69 -1.73 -41.16
N ASP B 283 8.20 -0.51 -41.40
CA ASP B 283 9.65 -0.32 -41.44
C ASP B 283 10.30 -0.48 -40.07
N ASN B 284 9.60 -0.11 -38.98
CA ASN B 284 10.23 -0.15 -37.67
C ASN B 284 9.46 -1.01 -36.66
N VAL B 285 8.44 -1.74 -37.10
CA VAL B 285 7.58 -2.45 -36.16
C VAL B 285 8.38 -3.50 -35.39
N ASP B 286 9.35 -4.13 -36.05
CA ASP B 286 10.09 -5.20 -35.39
C ASP B 286 10.80 -4.70 -34.13
N GLU B 287 11.14 -3.41 -34.08
CA GLU B 287 11.85 -2.87 -32.93
C GLU B 287 11.01 -2.88 -31.66
N TYR B 288 9.70 -3.02 -31.77
CA TYR B 288 8.81 -2.78 -30.65
C TYR B 288 8.28 -4.07 -30.03
N TYR B 289 8.64 -5.23 -30.55
CA TYR B 289 8.23 -6.48 -29.94
C TYR B 289 9.01 -6.73 -28.65
N PRO B 290 8.37 -7.29 -27.62
CA PRO B 290 9.05 -7.52 -26.34
C PRO B 290 10.30 -8.40 -26.49
N GLY C 4 24.71 3.25 -9.08
CA GLY C 4 23.64 4.15 -8.69
C GLY C 4 24.00 5.63 -8.80
N TYR C 5 23.40 6.43 -7.93
CA TYR C 5 23.57 7.88 -7.95
C TYR C 5 24.54 8.36 -6.87
N VAL C 6 25.51 7.53 -6.53
CA VAL C 6 26.64 7.92 -5.70
C VAL C 6 27.81 8.11 -6.64
N GLY C 7 28.15 9.36 -6.92
CA GLY C 7 29.17 9.67 -7.89
C GLY C 7 30.58 9.71 -7.32
N ASP C 8 31.53 9.80 -8.24
CA ASP C 8 32.95 9.90 -7.97
C ASP C 8 33.39 11.31 -8.33
N PRO C 9 33.94 12.10 -7.42
CA PRO C 9 34.25 13.49 -7.77
C PRO C 9 35.33 13.64 -8.83
N SER C 10 36.09 12.60 -9.15
CA SER C 10 37.00 12.70 -10.28
C SER C 10 36.26 12.81 -11.61
N ASP C 11 34.99 12.43 -11.65
CA ASP C 11 34.21 12.50 -12.88
C ASP C 11 33.63 13.90 -13.03
N GLU C 12 33.95 14.54 -14.15
CA GLU C 12 33.59 15.93 -14.39
C GLU C 12 32.49 16.06 -15.43
N TYR C 13 31.57 16.99 -15.17
CA TYR C 13 30.48 17.34 -16.07
C TYR C 13 30.59 18.84 -16.33
N TYR C 14 30.60 19.22 -17.61
CA TYR C 14 30.83 20.61 -18.00
C TYR C 14 29.56 21.26 -18.52
N MET C 15 29.37 22.52 -18.13
CA MET C 15 28.41 23.42 -18.76
C MET C 15 29.18 24.39 -19.63
N VAL C 16 28.77 24.55 -20.89
CA VAL C 16 29.51 25.33 -21.87
C VAL C 16 28.57 26.36 -22.48
N THR C 17 28.95 27.63 -22.38
CA THR C 17 28.05 28.72 -22.76
C THR C 17 28.67 29.66 -23.79
N PHE C 18 27.87 30.67 -24.17
CA PHE C 18 28.31 31.84 -24.89
C PHE C 18 27.85 33.05 -24.08
N LEU C 19 28.42 34.22 -24.37
CA LEU C 19 28.22 35.38 -23.50
C LEU C 19 28.46 34.97 -22.04
N SER C 20 29.58 34.28 -21.83
CA SER C 20 29.75 33.41 -20.68
C SER C 20 29.79 34.16 -19.35
N GLY C 21 30.02 35.47 -19.37
CA GLY C 21 30.12 36.22 -18.14
C GLY C 21 28.84 36.82 -17.61
N ILE C 22 27.72 36.72 -18.33
CA ILE C 22 26.51 37.43 -17.91
C ILE C 22 25.83 36.68 -16.76
N ASP C 23 24.98 37.40 -16.03
CA ASP C 23 24.35 36.83 -14.85
C ASP C 23 23.42 35.68 -15.19
N TYR C 24 22.84 35.67 -16.39
CA TYR C 24 21.90 34.62 -16.77
C TYR C 24 22.47 33.23 -16.48
N TRP C 25 23.75 33.01 -16.78
CA TRP C 25 24.32 31.66 -16.62
C TRP C 25 24.58 31.32 -15.17
N LYS C 26 24.64 32.32 -14.28
CA LYS C 26 24.86 32.01 -12.86
C LYS C 26 23.71 31.18 -12.31
N TYR C 27 22.48 31.47 -12.73
CA TYR C 27 21.34 30.69 -12.29
C TYR C 27 21.35 29.30 -12.90
N CYS C 28 21.69 29.19 -14.19
CA CYS C 28 21.78 27.88 -14.83
C CYS C 28 22.85 27.02 -14.17
N PHE C 29 24.02 27.61 -13.91
CA PHE C 29 25.09 26.80 -13.34
C PHE C 29 24.81 26.44 -11.88
N GLU C 30 24.10 27.30 -11.16
CA GLU C 30 23.72 26.95 -9.78
C GLU C 30 22.95 25.65 -9.74
N GLY C 31 22.01 25.44 -10.67
CA GLY C 31 21.27 24.19 -10.68
C GLY C 31 22.14 23.00 -11.06
N PHE C 32 22.96 23.17 -12.09
CA PHE C 32 23.91 22.15 -12.54
C PHE C 32 24.81 21.72 -11.40
N GLU C 33 25.36 22.69 -10.66
CA GLU C 33 26.26 22.38 -9.55
C GLU C 33 25.51 21.79 -8.36
N ASP C 34 24.29 22.28 -8.08
CA ASP C 34 23.52 21.68 -7.00
C ASP C 34 23.30 20.19 -7.24
N ALA C 35 22.94 19.84 -8.48
CA ALA C 35 22.72 18.44 -8.81
C ALA C 35 24.01 17.64 -8.73
N ALA C 36 25.12 18.22 -9.21
CA ALA C 36 26.40 17.56 -9.14
C ALA C 36 26.80 17.29 -7.69
N LYS C 37 26.60 18.26 -6.80
CA LYS C 37 26.92 18.07 -5.39
C LYS C 37 26.05 16.98 -4.76
N ALA C 38 24.78 16.92 -5.14
CA ALA C 38 23.89 15.89 -4.60
C ALA C 38 24.35 14.50 -5.00
N ILE C 39 24.81 14.35 -6.24
CA ILE C 39 25.29 13.05 -6.70
C ILE C 39 26.69 12.77 -6.16
N GLY C 40 27.54 13.79 -6.14
CA GLY C 40 28.92 13.64 -5.79
C GLY C 40 29.93 13.72 -6.93
N VAL C 41 29.54 14.26 -8.08
CA VAL C 41 30.45 14.48 -9.19
C VAL C 41 30.86 15.95 -9.21
N THR C 42 31.78 16.31 -10.09
CA THR C 42 32.31 17.67 -10.14
C THR C 42 31.71 18.41 -11.33
N ALA C 43 31.06 19.53 -11.05
CA ALA C 43 30.54 20.41 -12.08
C ALA C 43 31.57 21.48 -12.44
N LYS C 44 31.75 21.70 -13.73
CA LYS C 44 32.71 22.67 -14.24
C LYS C 44 32.00 23.62 -15.19
N TYR C 45 32.45 24.87 -15.22
CA TYR C 45 31.82 25.90 -16.03
C TYR C 45 32.82 26.56 -16.96
N THR C 46 32.46 26.76 -18.22
CA THR C 46 33.27 27.59 -19.10
C THR C 46 32.41 28.04 -20.27
N GLY C 47 32.98 28.91 -21.11
CA GLY C 47 32.25 29.38 -22.27
C GLY C 47 33.00 30.45 -23.02
N GLN C 48 32.40 30.85 -24.14
CA GLN C 48 32.90 31.94 -24.97
C GLN C 48 32.37 33.26 -24.41
N THR C 49 33.25 34.25 -24.26
CA THR C 49 32.85 35.47 -23.56
C THR C 49 31.87 36.31 -24.38
N ASP C 50 31.89 36.16 -25.70
CA ASP C 50 30.98 36.88 -26.59
C ASP C 50 30.14 35.90 -27.39
N THR C 51 29.66 36.32 -28.56
CA THR C 51 28.87 35.43 -29.42
C THR C 51 29.68 34.87 -30.60
N ASP C 52 31.01 34.92 -30.53
CA ASP C 52 31.87 34.42 -31.61
C ASP C 52 31.68 32.91 -31.79
N VAL C 53 31.24 32.51 -32.98
CA VAL C 53 30.90 31.10 -33.22
C VAL C 53 32.16 30.24 -33.20
N SER C 54 33.16 30.61 -33.98
CA SER C 54 34.42 29.89 -33.99
C SER C 54 35.03 29.83 -32.60
N GLY C 55 34.88 30.89 -31.81
CA GLY C 55 35.39 30.87 -30.45
C GLY C 55 34.68 29.85 -29.58
N GLN C 56 33.35 29.77 -29.68
CA GLN C 56 32.66 28.79 -28.87
C GLN C 56 33.01 27.37 -29.31
N VAL C 57 33.19 27.16 -30.61
CA VAL C 57 33.63 25.85 -31.08
C VAL C 57 34.97 25.49 -30.44
N ALA C 58 35.89 26.46 -30.40
CA ALA C 58 37.21 26.22 -29.80
C ALA C 58 37.09 25.90 -28.31
N VAL C 59 36.22 26.61 -27.61
CA VAL C 59 36.00 26.31 -26.19
C VAL C 59 35.49 24.90 -26.02
N LEU C 60 34.51 24.50 -26.84
CA LEU C 60 33.96 23.16 -26.71
C LEU C 60 35.02 22.10 -27.00
N GLU C 61 35.89 22.35 -27.98
CA GLU C 61 36.98 21.43 -28.26
C GLU C 61 37.91 21.30 -27.06
N GLN C 62 38.24 22.42 -26.41
CA GLN C 62 39.09 22.37 -25.23
C GLN C 62 38.45 21.51 -24.15
N VAL C 63 37.12 21.63 -23.98
CA VAL C 63 36.41 20.85 -22.98
C VAL C 63 36.45 19.36 -23.32
N ILE C 64 36.23 19.04 -24.59
CA ILE C 64 36.30 17.65 -25.03
C ILE C 64 37.67 17.07 -24.72
N ALA C 65 38.73 17.86 -24.89
CA ALA C 65 40.09 17.40 -24.61
C ALA C 65 40.31 17.11 -23.13
N GLN C 66 39.48 17.64 -22.23
CA GLN C 66 39.58 17.30 -20.82
C GLN C 66 38.98 15.93 -20.50
N LYS C 67 38.34 15.27 -21.48
CA LYS C 67 37.73 13.96 -21.34
C LYS C 67 36.72 13.92 -20.20
N PRO C 68 35.75 14.82 -20.20
CA PRO C 68 34.70 14.76 -19.18
C PRO C 68 33.73 13.61 -19.45
N LYS C 69 32.93 13.31 -18.43
CA LYS C 69 31.88 12.30 -18.62
C LYS C 69 30.69 12.87 -19.39
N GLY C 70 30.42 14.18 -19.28
CA GLY C 70 29.25 14.77 -19.90
C GLY C 70 29.41 16.26 -20.10
N ILE C 71 28.68 16.77 -21.10
CA ILE C 71 28.70 18.19 -21.46
C ILE C 71 27.27 18.64 -21.68
N ALA C 72 26.88 19.74 -21.06
CA ALA C 72 25.65 20.46 -21.39
C ALA C 72 26.06 21.76 -22.08
N VAL C 73 25.67 21.91 -23.34
CA VAL C 73 26.10 23.06 -24.14
C VAL C 73 24.88 23.80 -24.64
N THR C 74 24.96 25.14 -24.60
CA THR C 74 23.98 26.01 -25.24
C THR C 74 24.65 26.58 -26.48
N ALA C 75 24.03 26.36 -27.64
CA ALA C 75 24.67 26.62 -28.92
C ALA C 75 24.42 28.05 -29.36
N VAL C 76 25.50 28.80 -29.62
CA VAL C 76 25.36 30.18 -30.06
C VAL C 76 24.86 30.24 -31.51
N ASN C 77 24.94 29.14 -32.25
CA ASN C 77 24.53 29.06 -33.64
C ASN C 77 23.82 27.73 -33.84
N SER C 78 22.74 27.75 -34.63
CA SER C 78 21.84 26.60 -34.74
C SER C 78 22.53 25.35 -35.30
N THR C 79 23.57 25.51 -36.13
CA THR C 79 24.20 24.36 -36.76
C THR C 79 25.73 24.32 -36.65
N ALA C 80 26.40 25.43 -36.34
CA ALA C 80 27.86 25.46 -36.45
C ALA C 80 28.58 24.60 -35.41
N LEU C 81 27.91 24.23 -34.33
CA LEU C 81 28.51 23.38 -33.31
C LEU C 81 28.17 21.90 -33.49
N ALA C 82 27.32 21.55 -34.46
CA ALA C 82 26.80 20.20 -34.54
C ALA C 82 27.91 19.17 -34.73
N ASP C 83 28.88 19.45 -35.61
CA ASP C 83 29.92 18.47 -35.87
C ASP C 83 30.78 18.24 -34.63
N THR C 84 31.01 19.29 -33.84
CA THR C 84 31.80 19.15 -32.62
C THR C 84 31.04 18.37 -31.55
N ILE C 85 29.74 18.66 -31.39
CA ILE C 85 28.91 17.87 -30.49
C ILE C 85 28.98 16.41 -30.88
N ASN C 86 28.85 16.13 -32.18
CA ASN C 86 28.85 14.74 -32.65
C ASN C 86 30.18 14.07 -32.40
N SER C 87 31.28 14.82 -32.55
CA SER C 87 32.60 14.26 -32.29
C SER C 87 32.73 13.87 -30.82
N ALA C 88 32.24 14.73 -29.91
CA ALA C 88 32.25 14.42 -28.49
C ALA C 88 31.52 13.11 -28.21
N ILE C 89 30.32 12.98 -28.78
CA ILE C 89 29.52 11.77 -28.59
C ILE C 89 30.27 10.54 -29.13
N GLU C 90 30.89 10.66 -30.30
CA GLU C 90 31.63 9.54 -30.85
C GLU C 90 32.82 9.16 -29.96
N GLN C 91 33.36 10.13 -29.21
CA GLN C 91 34.45 9.88 -28.28
C GLN C 91 33.97 9.37 -26.94
N GLY C 92 32.67 9.10 -26.78
CA GLY C 92 32.16 8.51 -25.57
C GLY C 92 31.66 9.49 -24.52
N ILE C 93 31.59 10.77 -24.83
CA ILE C 93 31.10 11.80 -23.91
C ILE C 93 29.59 11.96 -24.11
N SER C 94 28.85 11.95 -23.01
CA SER C 94 27.42 12.27 -23.09
C SER C 94 27.23 13.76 -23.33
N VAL C 95 26.32 14.11 -24.25
CA VAL C 95 26.05 15.52 -24.55
C VAL C 95 24.55 15.76 -24.62
N VAL C 96 24.09 16.79 -23.90
CA VAL C 96 22.75 17.35 -24.07
C VAL C 96 22.93 18.82 -24.43
N CYS C 97 21.90 19.40 -25.02
CA CYS C 97 21.82 20.84 -25.22
C CYS C 97 20.85 21.43 -24.21
N PHE C 98 21.17 22.61 -23.70
CA PHE C 98 20.26 23.37 -22.85
C PHE C 98 20.21 24.82 -23.33
N ASP C 99 19.07 25.47 -23.10
CA ASP C 99 18.82 26.89 -23.36
C ASP C 99 18.73 27.26 -24.84
N SER C 100 19.65 26.77 -25.66
CA SER C 100 19.65 27.05 -27.10
C SER C 100 20.16 25.79 -27.79
N ASP C 101 19.35 25.24 -28.68
CA ASP C 101 19.57 23.89 -29.20
C ASP C 101 20.48 23.87 -30.42
N SER C 102 21.05 22.70 -30.67
CA SER C 102 21.74 22.35 -31.91
C SER C 102 20.94 21.19 -32.48
N PRO C 103 19.79 21.45 -33.08
CA PRO C 103 18.82 20.36 -33.35
C PRO C 103 19.24 19.41 -34.45
N THR C 104 20.21 19.76 -35.28
CA THR C 104 20.66 18.82 -36.31
C THR C 104 21.76 17.91 -35.81
N SER C 105 22.28 18.14 -34.59
CA SER C 105 23.29 17.29 -33.99
C SER C 105 22.65 16.07 -33.34
N ASN C 106 23.50 15.16 -32.85
CA ASN C 106 23.06 13.94 -32.19
C ASN C 106 22.92 14.09 -30.68
N ARG C 107 22.85 15.31 -30.15
CA ARG C 107 22.68 15.46 -28.71
C ARG C 107 21.47 14.66 -28.24
N SER C 108 21.56 14.13 -27.02
CA SER C 108 20.56 13.18 -26.55
C SER C 108 19.25 13.84 -26.18
N ALA C 109 19.29 15.11 -25.77
CA ALA C 109 18.10 15.79 -25.30
C ALA C 109 18.33 17.29 -25.34
N TYR C 110 17.23 18.02 -25.38
CA TYR C 110 17.22 19.46 -25.18
C TYR C 110 16.46 19.79 -23.90
N LEU C 111 17.04 20.65 -23.07
CA LEU C 111 16.42 21.08 -21.83
C LEU C 111 16.40 22.60 -21.81
N GLY C 112 15.20 23.17 -21.79
CA GLY C 112 15.10 24.61 -21.77
C GLY C 112 13.73 25.08 -22.19
N THR C 113 13.65 26.38 -22.47
CA THR C 113 12.42 26.99 -22.93
C THR C 113 11.95 26.36 -24.23
N GLY C 114 10.65 26.18 -24.35
CA GLY C 114 10.04 25.93 -25.65
C GLY C 114 10.01 27.24 -26.41
N ASN C 115 11.06 27.50 -27.21
CA ASN C 115 11.33 28.86 -27.65
C ASN C 115 10.30 29.35 -28.65
N TYR C 116 9.88 28.50 -29.59
CA TYR C 116 8.80 28.87 -30.50
C TYR C 116 7.52 29.21 -29.74
N ALA C 117 7.11 28.33 -28.82
CA ALA C 117 5.91 28.58 -28.03
C ALA C 117 6.04 29.85 -27.19
N ALA C 118 7.25 30.14 -26.70
CA ALA C 118 7.45 31.36 -25.93
C ALA C 118 7.27 32.60 -26.81
N GLY C 119 7.68 32.51 -28.08
CA GLY C 119 7.41 33.60 -29.00
C GLY C 119 5.92 33.80 -29.21
N GLN C 120 5.17 32.70 -29.30
CA GLN C 120 3.71 32.80 -29.37
C GLN C 120 3.14 33.44 -28.11
N LYS C 121 3.64 33.03 -26.94
CA LYS C 121 3.15 33.60 -25.69
C LYS C 121 3.49 35.09 -25.62
N ALA C 122 4.67 35.47 -26.12
CA ALA C 122 5.05 36.87 -26.15
C ALA C 122 4.10 37.69 -27.03
N ALA C 123 3.76 37.17 -28.21
CA ALA C 123 2.82 37.89 -29.07
C ALA C 123 1.44 37.96 -28.44
N GLU C 124 0.99 36.87 -27.81
CA GLU C 124 -0.32 36.88 -27.16
C GLU C 124 -0.38 37.95 -26.07
N PHE C 125 0.77 38.30 -25.47
CA PHE C 125 0.80 39.33 -24.44
C PHE C 125 0.92 40.72 -25.04
N LEU C 126 1.85 40.90 -25.99
CA LEU C 126 2.19 42.24 -26.45
C LEU C 126 1.22 42.78 -27.50
N VAL C 127 0.77 41.93 -28.43
CA VAL C 127 -0.05 42.42 -29.53
C VAL C 127 -1.35 43.04 -29.03
N PRO C 128 -2.09 42.43 -28.10
CA PRO C 128 -3.32 43.09 -27.62
C PRO C 128 -3.04 44.44 -27.00
N LEU C 129 -1.88 44.63 -26.39
CA LEU C 129 -1.54 45.93 -25.81
C LEU C 129 -1.39 47.01 -26.86
N VAL C 130 -1.10 46.65 -28.11
CA VAL C 130 -1.04 47.60 -29.20
C VAL C 130 -2.29 47.51 -30.08
N ASN C 131 -3.35 46.90 -29.57
CA ASN C 131 -4.66 46.88 -30.23
C ASN C 131 -4.59 46.27 -31.61
N TYR C 132 -3.71 45.27 -31.79
CA TYR C 132 -3.68 44.46 -33.00
C TYR C 132 -3.37 45.30 -34.23
N LYS C 133 -2.55 46.34 -34.07
CA LYS C 133 -2.26 47.26 -35.16
C LYS C 133 -0.91 47.91 -34.89
N GLY C 134 -0.22 48.26 -35.96
CA GLY C 134 1.06 48.93 -35.87
C GLY C 134 2.21 47.99 -36.15
N LYS C 135 3.40 48.56 -36.01
CA LYS C 135 4.64 47.84 -36.26
C LYS C 135 5.35 47.53 -34.94
N ILE C 136 5.85 46.31 -34.81
CA ILE C 136 6.58 45.89 -33.62
C ILE C 136 8.03 45.63 -34.02
N ALA C 137 8.94 46.28 -33.30
CA ALA C 137 10.37 46.01 -33.47
C ALA C 137 10.74 44.78 -32.66
N VAL C 138 11.45 43.86 -33.31
CA VAL C 138 11.83 42.58 -32.72
C VAL C 138 13.35 42.58 -32.66
N LEU C 139 13.90 42.64 -31.45
CA LEU C 139 15.34 42.81 -31.21
C LEU C 139 15.89 41.51 -30.66
N TYR C 140 16.85 40.91 -31.37
CA TYR C 140 17.26 39.55 -31.04
C TYR C 140 18.65 39.25 -31.58
N THR C 141 19.26 38.21 -31.01
CA THR C 141 20.59 37.75 -31.41
C THR C 141 20.45 36.88 -32.65
N VAL C 142 20.72 37.43 -33.82
CA VAL C 142 20.57 36.63 -35.04
C VAL C 142 21.50 35.44 -34.97
N GLY C 143 21.02 34.28 -35.44
CA GLY C 143 21.82 33.08 -35.58
C GLY C 143 21.65 32.08 -34.45
N ALA C 144 21.27 32.53 -33.26
CA ALA C 144 21.04 31.63 -32.13
C ALA C 144 19.70 30.93 -32.27
N GLU C 145 19.70 29.60 -32.07
CA GLU C 145 18.47 28.84 -32.28
C GLU C 145 17.35 29.36 -31.39
N ASN C 146 17.64 29.66 -30.12
CA ASN C 146 16.56 30.03 -29.22
C ASN C 146 15.95 31.38 -29.65
N SER C 147 16.80 32.36 -29.97
CA SER C 147 16.26 33.63 -30.44
C SER C 147 15.55 33.49 -31.78
N GLU C 148 16.12 32.71 -32.71
CA GLU C 148 15.47 32.56 -34.01
C GLU C 148 14.10 31.90 -33.85
N SER C 149 13.99 30.91 -32.95
CA SER C 149 12.72 30.22 -32.75
C SER C 149 11.70 31.12 -32.05
N ARG C 150 12.15 31.95 -31.10
CA ARG C 150 11.24 32.90 -30.46
C ARG C 150 10.67 33.87 -31.49
N VAL C 151 11.50 34.38 -32.39
CA VAL C 151 11.03 35.28 -33.42
C VAL C 151 10.01 34.58 -34.31
N GLN C 152 10.28 33.34 -34.70
CA GLN C 152 9.38 32.63 -35.60
C GLN C 152 8.02 32.42 -34.95
N GLY C 153 7.99 32.03 -33.68
CA GLY C 153 6.71 31.87 -32.99
C GLY C 153 5.93 33.18 -32.90
N PHE C 154 6.63 34.27 -32.58
CA PHE C 154 5.99 35.58 -32.52
C PHE C 154 5.43 35.96 -33.89
N GLU C 155 6.26 35.81 -34.92
CA GLU C 155 5.82 36.18 -36.27
C GLU C 155 4.65 35.32 -36.72
N ASP C 156 4.70 34.00 -36.43
CA ASP C 156 3.63 33.13 -36.88
C ASP C 156 2.32 33.44 -36.15
N TRP C 157 2.40 33.76 -34.87
CA TRP C 157 1.20 34.14 -34.13
C TRP C 157 0.58 35.41 -34.73
N CYS C 158 1.42 36.39 -35.07
CA CYS C 158 0.90 37.61 -35.69
C CYS C 158 0.24 37.31 -37.04
N LYS C 159 0.86 36.44 -37.84
CA LYS C 159 0.28 36.13 -39.15
C LYS C 159 -1.10 35.48 -39.00
N GLN C 160 -1.28 34.66 -37.97
CA GLN C 160 -2.55 33.96 -37.80
C GLN C 160 -3.60 34.81 -37.10
N ASN C 161 -3.19 35.67 -36.16
CA ASN C 161 -4.13 36.33 -35.27
C ASN C 161 -4.11 37.85 -35.33
N ALA C 162 -3.12 38.46 -35.97
CA ALA C 162 -2.99 39.91 -36.03
C ALA C 162 -2.50 40.30 -37.41
N PRO C 163 -3.32 40.07 -38.44
CA PRO C 163 -2.86 40.27 -39.82
C PRO C 163 -2.45 41.69 -40.15
N GLU C 164 -2.87 42.69 -39.37
CA GLU C 164 -2.53 44.08 -39.68
C GLU C 164 -1.26 44.53 -38.97
N VAL C 165 -0.70 43.70 -38.11
CA VAL C 165 0.57 44.01 -37.45
C VAL C 165 1.72 43.70 -38.40
N SER C 166 2.73 44.56 -38.40
CA SER C 166 3.95 44.35 -39.15
C SER C 166 5.12 44.30 -38.18
N LEU C 167 6.22 43.72 -38.63
CA LEU C 167 7.41 43.58 -37.81
C LEU C 167 8.59 44.27 -38.49
N VAL C 168 9.52 44.75 -37.68
CA VAL C 168 10.86 45.09 -38.17
C VAL C 168 11.87 44.35 -37.31
N LYS C 169 12.68 43.51 -37.94
CA LYS C 169 13.63 42.67 -37.23
C LYS C 169 14.96 43.40 -37.09
N VAL C 170 15.50 43.40 -35.87
CA VAL C 170 16.67 44.19 -35.51
C VAL C 170 17.67 43.29 -34.80
N ASN C 171 18.86 43.15 -35.39
CA ASN C 171 19.91 42.34 -34.79
C ASN C 171 20.47 43.01 -33.54
N ASP C 172 20.47 42.30 -32.41
CA ASP C 172 21.14 42.86 -31.23
C ASP C 172 22.61 42.46 -31.17
N ALA C 173 23.05 41.56 -32.05
CA ALA C 173 24.46 41.21 -32.25
C ALA C 173 25.16 40.74 -30.98
N GLY C 174 24.40 40.27 -29.98
CA GLY C 174 25.01 39.88 -28.72
C GLY C 174 25.77 40.96 -28.02
N ASP C 175 25.53 42.22 -28.40
CA ASP C 175 26.32 43.35 -27.92
C ASP C 175 25.35 44.48 -27.59
N THR C 176 25.27 44.84 -26.31
CA THR C 176 24.24 45.77 -25.88
C THR C 176 24.44 47.15 -26.50
N THR C 177 25.66 47.48 -26.91
CA THR C 177 25.92 48.76 -27.55
C THR C 177 25.47 48.75 -29.01
N VAL C 178 25.86 47.72 -29.77
CA VAL C 178 25.34 47.57 -31.12
C VAL C 178 23.82 47.50 -31.08
N ALA C 179 23.28 46.77 -30.11
CA ALA C 179 21.83 46.57 -30.04
C ALA C 179 21.10 47.91 -29.92
N ALA C 180 21.48 48.73 -28.94
CA ALA C 180 20.81 50.01 -28.74
C ALA C 180 20.95 50.90 -29.97
N ASP C 181 22.13 50.88 -30.62
CA ASP C 181 22.32 51.66 -31.84
C ASP C 181 21.38 51.20 -32.94
N ASN C 182 21.28 49.88 -33.14
CA ASN C 182 20.42 49.34 -34.19
C ASN C 182 18.95 49.63 -33.91
N LEU C 183 18.51 49.47 -32.66
CA LEU C 183 17.12 49.77 -32.36
C LEU C 183 16.84 51.26 -32.48
N ALA C 184 17.78 52.11 -32.06
CA ALA C 184 17.60 53.54 -32.19
C ALA C 184 17.39 53.94 -33.65
N ALA C 185 18.14 53.33 -34.57
CA ALA C 185 17.97 53.65 -35.98
C ALA C 185 16.63 53.13 -36.50
N ALA C 186 16.22 51.95 -36.06
CA ALA C 186 14.93 51.40 -36.47
C ALA C 186 13.79 52.30 -36.01
N LEU C 187 13.88 52.82 -34.78
CA LEU C 187 12.85 53.72 -34.27
C LEU C 187 12.77 54.99 -35.09
N GLN C 188 13.93 55.54 -35.51
CA GLN C 188 13.92 56.73 -36.34
C GLN C 188 13.31 56.46 -37.70
N ALA C 189 13.59 55.30 -38.28
CA ALA C 189 13.16 55.00 -39.64
C ALA C 189 11.71 54.52 -39.73
N ASN C 190 11.09 54.18 -38.61
CA ASN C 190 9.75 53.57 -38.60
C ASN C 190 8.91 54.28 -37.57
N ASP C 191 8.25 55.36 -38.00
CA ASP C 191 7.40 56.14 -37.11
C ASP C 191 6.19 55.36 -36.63
N ASP C 192 5.83 54.28 -37.30
CA ASP C 192 4.64 53.50 -36.93
C ASP C 192 4.95 52.41 -35.91
N ILE C 193 6.16 52.35 -35.38
CA ILE C 193 6.46 51.37 -34.34
C ILE C 193 5.62 51.70 -33.11
N VAL C 194 4.96 50.69 -32.58
CA VAL C 194 4.11 50.83 -31.40
C VAL C 194 4.57 49.95 -30.26
N GLY C 195 5.48 49.01 -30.50
CA GLY C 195 5.97 48.15 -29.44
C GLY C 195 7.30 47.55 -29.81
N VAL C 196 7.92 46.96 -28.79
CA VAL C 196 9.23 46.31 -28.94
C VAL C 196 9.19 44.99 -28.20
N PHE C 197 9.55 43.91 -28.91
CA PHE C 197 9.74 42.58 -28.31
C PHE C 197 11.24 42.35 -28.20
N CYS C 198 11.77 42.40 -26.98
CA CYS C 198 13.15 42.05 -26.69
C CYS C 198 13.22 40.53 -26.50
N VAL C 199 13.95 39.84 -27.39
CA VAL C 199 13.84 38.40 -27.50
C VAL C 199 14.81 37.63 -26.62
N ASP C 200 15.84 38.28 -26.10
CA ASP C 200 16.83 37.61 -25.27
C ASP C 200 17.38 38.65 -24.31
N GLY C 201 18.26 38.21 -23.40
CA GLY C 201 18.70 39.08 -22.32
C GLY C 201 19.43 40.32 -22.82
N VAL C 202 20.26 40.18 -23.84
CA VAL C 202 20.97 41.32 -24.41
C VAL C 202 19.95 42.38 -24.83
N ALA C 203 18.91 41.96 -25.54
CA ALA C 203 17.87 42.88 -25.97
C ALA C 203 17.06 43.40 -24.81
N GLY C 204 16.91 42.59 -23.75
CA GLY C 204 16.20 43.04 -22.58
C GLY C 204 16.86 44.22 -21.88
N THR C 205 18.19 44.32 -22.02
CA THR C 205 18.91 45.47 -21.49
C THR C 205 18.90 46.63 -22.48
N ALA C 206 19.25 46.37 -23.74
CA ALA C 206 19.43 47.45 -24.70
C ALA C 206 18.11 48.01 -25.20
N GLY C 207 17.07 47.19 -25.27
CA GLY C 207 15.81 47.61 -25.83
C GLY C 207 15.21 48.78 -25.08
N PRO C 208 14.92 48.56 -23.78
CA PRO C 208 14.31 49.65 -23.00
C PRO C 208 15.15 50.90 -22.96
N THR C 209 16.49 50.74 -22.99
CA THR C 209 17.39 51.88 -22.99
C THR C 209 17.21 52.73 -24.25
N ALA C 210 17.23 52.09 -25.42
CA ALA C 210 17.02 52.82 -26.66
C ALA C 210 15.64 53.46 -26.69
N VAL C 211 14.61 52.75 -26.19
CA VAL C 211 13.28 53.33 -26.16
C VAL C 211 13.26 54.57 -25.28
N ALA C 212 13.93 54.51 -24.13
CA ALA C 212 14.03 55.68 -23.26
C ALA C 212 14.74 56.83 -23.98
N GLU C 213 15.86 56.54 -24.65
CA GLU C 213 16.58 57.58 -25.38
C GLU C 213 15.67 58.29 -26.37
N SER C 214 14.84 57.52 -27.10
CA SER C 214 13.95 58.10 -28.09
C SER C 214 12.82 58.90 -27.45
N LYS C 215 12.58 58.70 -26.17
CA LYS C 215 11.51 59.37 -25.42
C LYS C 215 10.12 59.02 -25.94
N LYS C 216 10.01 57.96 -26.75
CA LYS C 216 8.72 57.52 -27.26
C LYS C 216 8.02 56.62 -26.24
N ASP C 217 6.68 56.64 -26.27
CA ASP C 217 5.85 55.86 -25.36
C ASP C 217 5.39 54.62 -26.11
N LEU C 218 6.07 53.51 -25.87
CA LEU C 218 5.85 52.27 -26.60
C LEU C 218 5.54 51.14 -25.62
N ARG C 219 4.86 50.11 -26.11
CA ARG C 219 4.67 48.89 -25.34
C ARG C 219 5.90 48.02 -25.49
N VAL C 220 6.46 47.58 -24.38
CA VAL C 220 7.75 46.90 -24.40
C VAL C 220 7.67 45.62 -23.58
N LEU C 221 8.07 44.52 -24.19
CA LEU C 221 8.23 43.25 -23.49
C LEU C 221 9.71 42.89 -23.50
N ALA C 222 10.30 42.80 -22.33
CA ALA C 222 11.70 42.43 -22.21
C ALA C 222 11.82 40.92 -22.06
N PHE C 223 13.05 40.45 -21.90
CA PHE C 223 13.30 39.04 -21.63
C PHE C 223 14.20 38.90 -20.40
N ASP C 224 13.94 37.82 -19.65
CA ASP C 224 14.70 37.41 -18.48
C ASP C 224 14.52 38.35 -17.30
N VAL C 225 15.22 38.07 -16.20
CA VAL C 225 14.86 38.68 -14.94
C VAL C 225 16.04 39.32 -14.22
N ASP C 226 16.94 39.94 -14.99
CA ASP C 226 17.92 40.84 -14.41
C ASP C 226 17.23 41.85 -13.49
N VAL C 227 17.88 42.16 -12.37
CA VAL C 227 17.31 43.11 -11.41
C VAL C 227 16.94 44.42 -12.10
N THR C 228 17.77 44.88 -13.04
CA THR C 228 17.49 46.15 -13.70
C THR C 228 16.23 46.09 -14.55
N VAL C 229 15.93 44.92 -15.12
CA VAL C 229 14.72 44.77 -15.92
C VAL C 229 13.49 44.64 -15.04
N LEU C 230 13.59 43.88 -13.94
CA LEU C 230 12.47 43.75 -13.03
C LEU C 230 12.03 45.10 -12.47
N ASP C 231 13.01 45.94 -12.11
CA ASP C 231 12.70 47.28 -11.62
C ASP C 231 11.93 48.10 -12.65
N LYS C 232 12.17 47.87 -13.94
CA LYS C 232 11.46 48.60 -14.98
C LYS C 232 10.06 48.05 -15.20
N VAL C 233 9.85 46.75 -15.00
CA VAL C 233 8.49 46.22 -14.94
C VAL C 233 7.77 46.81 -13.73
N LYS C 234 8.45 46.84 -12.59
CA LYS C 234 7.84 47.35 -11.37
C LYS C 234 7.49 48.82 -11.50
N SER C 235 8.41 49.63 -12.04
CA SER C 235 8.16 51.05 -12.21
C SER C 235 7.09 51.34 -13.26
N GLY C 236 6.73 50.37 -14.09
CA GLY C 236 5.85 50.62 -15.21
C GLY C 236 6.54 51.17 -16.43
N GLU C 237 7.86 51.35 -16.39
CA GLU C 237 8.59 51.83 -17.56
C GLU C 237 8.36 50.90 -18.75
N ILE C 238 8.35 49.59 -18.50
CA ILE C 238 8.02 48.60 -19.52
C ILE C 238 6.82 47.78 -19.04
N ASP C 239 6.27 46.99 -19.96
CA ASP C 239 5.03 46.27 -19.70
C ASP C 239 5.24 44.88 -19.09
N GLY C 240 6.38 44.28 -19.31
CA GLY C 240 6.67 43.00 -18.68
C GLY C 240 7.99 42.46 -19.17
N THR C 241 8.33 41.27 -18.67
CA THR C 241 9.47 40.52 -19.16
C THR C 241 9.10 39.04 -19.11
N VAL C 242 9.99 38.19 -19.60
CA VAL C 242 9.74 36.76 -19.73
C VAL C 242 10.77 36.02 -18.90
N ALA C 243 10.30 35.25 -17.92
CA ALA C 243 11.17 34.50 -17.02
C ALA C 243 11.31 33.07 -17.52
N GLN C 244 12.55 32.59 -17.57
CA GLN C 244 12.85 31.22 -17.95
C GLN C 244 13.23 30.38 -16.74
N GLY C 245 13.14 29.06 -16.89
CA GLY C 245 13.50 28.13 -15.85
C GLY C 245 14.98 27.80 -15.81
N MET C 246 15.80 28.82 -15.51
CA MET C 246 17.24 28.71 -15.68
C MET C 246 17.83 27.62 -14.78
N TYR C 247 17.51 27.66 -13.49
CA TYR C 247 18.05 26.68 -12.55
C TYR C 247 17.72 25.26 -12.99
N ASN C 248 16.48 25.04 -13.42
CA ASN C 248 16.06 23.69 -13.79
C ASN C 248 16.74 23.21 -15.05
N MET C 249 17.05 24.11 -15.99
CA MET C 249 17.88 23.73 -17.13
C MET C 249 19.18 23.09 -16.66
N GLY C 250 19.83 23.70 -15.68
CA GLY C 250 21.11 23.17 -15.22
C GLY C 250 20.94 21.91 -14.40
N TYR C 251 20.04 21.95 -13.42
CA TYR C 251 19.87 20.79 -12.53
C TYR C 251 19.57 19.53 -13.32
N TRP C 252 18.58 19.58 -14.22
CA TRP C 252 18.15 18.38 -14.94
C TRP C 252 19.07 18.05 -16.10
N SER C 253 19.85 19.01 -16.61
CA SER C 253 20.92 18.65 -17.55
C SER C 253 21.93 17.73 -16.88
N LEU C 254 22.37 18.10 -15.67
CA LEU C 254 23.31 17.25 -14.93
C LEU C 254 22.69 15.90 -14.65
N MET C 255 21.45 15.87 -14.17
CA MET C 255 20.81 14.59 -13.86
C MET C 255 20.76 13.70 -15.10
N MET C 256 20.39 14.25 -16.25
CA MET C 256 20.30 13.40 -17.45
C MET C 256 21.68 12.95 -17.90
N LEU C 257 22.67 13.85 -17.89
CA LEU C 257 24.00 13.48 -18.33
C LEU C 257 24.58 12.35 -17.48
N TYR C 258 24.45 12.48 -16.15
CA TYR C 258 24.97 11.45 -15.27
C TYR C 258 24.26 10.13 -15.48
N THR C 259 22.94 10.17 -15.66
CA THR C 259 22.16 8.96 -15.88
C THR C 259 22.63 8.25 -17.14
N GLU C 260 22.81 9.01 -18.22
CA GLU C 260 23.22 8.40 -19.47
C GLU C 260 24.66 7.88 -19.40
N ALA C 261 25.57 8.68 -18.82
CA ALA C 261 26.98 8.30 -18.77
C ALA C 261 27.21 7.05 -17.93
N ASN C 262 26.31 6.74 -17.00
CA ASN C 262 26.45 5.58 -16.14
C ASN C 262 25.48 4.46 -16.48
N GLY C 263 24.73 4.59 -17.56
CA GLY C 263 23.88 3.50 -18.03
C GLY C 263 22.80 3.10 -17.05
N LEU C 264 22.32 4.05 -16.24
CA LEU C 264 21.36 3.73 -15.20
C LEU C 264 19.95 3.51 -15.74
N SER C 265 19.64 4.04 -16.91
CA SER C 265 18.33 3.89 -17.54
C SER C 265 18.45 2.90 -18.70
N SER C 266 17.49 1.98 -18.78
CA SER C 266 17.47 1.01 -19.87
C SER C 266 17.10 1.62 -21.21
N LYS C 267 16.59 2.85 -21.23
CA LYS C 267 16.18 3.51 -22.47
C LYS C 267 17.00 4.77 -22.68
N ALA C 268 17.08 5.21 -23.93
CA ALA C 268 17.70 6.49 -24.23
C ALA C 268 16.95 7.61 -23.50
N LEU C 269 17.66 8.68 -23.21
CA LEU C 269 17.07 9.80 -22.49
C LEU C 269 15.83 10.34 -23.19
N PRO C 270 14.85 10.82 -22.42
CA PRO C 270 13.73 11.57 -23.03
C PRO C 270 14.27 12.81 -23.71
N GLY C 271 13.63 13.19 -24.82
CA GLY C 271 14.25 14.12 -25.74
C GLY C 271 14.09 15.60 -25.40
N ASN C 272 13.12 15.96 -24.55
CA ASN C 272 12.84 17.38 -24.35
C ASN C 272 12.23 17.62 -22.98
N LEU C 273 12.90 18.44 -22.19
CA LEU C 273 12.38 18.95 -20.93
C LEU C 273 12.01 20.42 -21.13
N ASP C 274 10.74 20.74 -20.93
CA ASP C 274 10.25 22.12 -21.07
C ASP C 274 10.34 22.78 -19.70
N THR C 275 11.33 23.66 -19.52
CA THR C 275 11.54 24.30 -18.23
C THR C 275 10.66 25.52 -18.02
N GLY C 276 9.79 25.83 -18.98
CA GLY C 276 8.68 26.74 -18.72
C GLY C 276 9.03 28.21 -18.89
N VAL C 277 8.01 29.01 -19.19
CA VAL C 277 8.16 30.46 -19.18
C VAL C 277 6.96 31.07 -18.45
N VAL C 278 7.19 32.24 -17.88
CA VAL C 278 6.17 33.01 -17.19
C VAL C 278 6.29 34.46 -17.67
N ILE C 279 5.18 35.05 -18.08
CA ILE C 279 5.15 36.48 -18.35
C ILE C 279 5.13 37.21 -17.02
N VAL C 280 6.13 38.05 -16.79
CA VAL C 280 6.28 38.77 -15.54
C VAL C 280 5.72 40.18 -15.72
N THR C 281 4.76 40.53 -14.87
CA THR C 281 4.13 41.84 -14.86
C THR C 281 4.25 42.42 -13.46
N LYS C 282 3.66 43.60 -13.24
CA LYS C 282 3.70 44.18 -11.90
C LYS C 282 3.06 43.25 -10.87
N ASP C 283 2.15 42.38 -11.32
CA ASP C 283 1.45 41.50 -10.40
C ASP C 283 2.38 40.48 -9.76
N ASN C 284 3.37 39.99 -10.49
CA ASN C 284 4.20 38.91 -9.97
C ASN C 284 5.70 39.21 -9.98
N VAL C 285 6.10 40.46 -10.26
CA VAL C 285 7.52 40.77 -10.39
C VAL C 285 8.26 40.51 -9.09
N ASP C 286 7.65 40.83 -7.94
CA ASP C 286 8.37 40.70 -6.67
C ASP C 286 8.92 39.29 -6.46
N GLU C 287 8.34 38.28 -7.08
CA GLU C 287 8.79 36.91 -6.86
C GLU C 287 10.12 36.60 -7.51
N TYR C 288 10.67 37.50 -8.33
CA TYR C 288 11.83 37.18 -9.17
C TYR C 288 13.12 37.88 -8.76
N TYR C 289 13.11 38.70 -7.67
CA TYR C 289 14.34 39.35 -7.25
C TYR C 289 15.25 38.37 -6.52
N PRO C 290 16.59 38.48 -6.69
CA PRO C 290 17.52 37.54 -6.04
C PRO C 290 17.28 37.42 -4.54
N GLY D 4 14.96 -5.85 18.77
CA GLY D 4 14.20 -6.64 17.82
C GLY D 4 14.25 -8.14 18.05
N TYR D 5 14.02 -8.88 16.97
CA TYR D 5 13.96 -10.34 17.03
C TYR D 5 15.23 -10.98 16.48
N VAL D 6 16.37 -10.30 16.63
CA VAL D 6 17.68 -10.88 16.38
C VAL D 6 18.28 -11.19 17.75
N GLY D 7 18.28 -12.47 18.10
CA GLY D 7 18.72 -12.89 19.42
C GLY D 7 20.22 -13.13 19.53
N ASP D 8 20.64 -13.31 20.77
CA ASP D 8 22.01 -13.64 21.17
C ASP D 8 22.01 -15.09 21.62
N PRO D 9 22.80 -15.97 21.01
CA PRO D 9 22.73 -17.39 21.41
C PRO D 9 23.17 -17.65 22.84
N SER D 10 23.83 -16.71 23.51
CA SER D 10 24.14 -16.91 24.92
C SER D 10 22.90 -16.84 25.79
N ASP D 11 21.80 -16.29 25.28
CA ASP D 11 20.54 -16.25 26.02
C ASP D 11 19.79 -17.56 25.84
N GLU D 12 19.49 -18.22 26.96
CA GLU D 12 18.88 -19.54 26.95
C GLU D 12 17.41 -19.49 27.36
N TYR D 13 16.61 -20.31 26.70
CA TYR D 13 15.19 -20.50 26.96
C TYR D 13 14.98 -21.99 27.18
N TYR D 14 14.35 -22.33 28.30
CA TYR D 14 14.21 -23.72 28.72
C TYR D 14 12.78 -24.20 28.58
N MET D 15 12.63 -25.43 28.10
CA MET D 15 11.38 -26.18 28.18
C MET D 15 11.54 -27.23 29.28
N VAL D 16 10.60 -27.27 30.22
CA VAL D 16 10.69 -28.13 31.39
C VAL D 16 9.46 -29.01 31.48
N THR D 17 9.67 -30.33 31.53
CA THR D 17 8.56 -31.27 31.41
C THR D 17 8.52 -32.26 32.57
N PHE D 18 7.53 -33.16 32.51
CA PHE D 18 7.45 -34.37 33.30
C PHE D 18 7.28 -35.54 32.33
N LEU D 19 7.50 -36.76 32.81
CA LEU D 19 7.59 -37.91 31.90
C LEU D 19 8.49 -37.56 30.72
N SER D 20 9.68 -37.06 31.05
CA SER D 20 10.44 -36.22 30.12
C SER D 20 11.00 -36.98 28.92
N GLY D 21 11.06 -38.30 29.00
CA GLY D 21 11.58 -39.09 27.91
C GLY D 21 10.59 -39.52 26.85
N ILE D 22 9.30 -39.25 27.00
CA ILE D 22 8.32 -39.79 26.07
C ILE D 22 8.32 -38.99 24.77
N ASP D 23 7.84 -39.64 23.71
CA ASP D 23 7.85 -39.05 22.38
C ASP D 23 7.03 -37.76 22.31
N TYR D 24 5.99 -37.63 23.13
CA TYR D 24 5.12 -36.45 23.08
C TYR D 24 5.93 -35.16 23.10
N TRP D 25 6.95 -35.08 23.98
CA TRP D 25 7.69 -33.82 24.12
C TRP D 25 8.60 -33.55 22.94
N LYS D 26 8.94 -34.56 22.15
CA LYS D 26 9.81 -34.33 21.00
C LYS D 26 9.15 -33.37 20.02
N TYR D 27 7.83 -33.52 19.81
CA TYR D 27 7.11 -32.60 18.93
C TYR D 27 7.05 -31.19 19.55
N CYS D 28 6.81 -31.11 20.86
CA CYS D 28 6.74 -29.81 21.51
C CYS D 28 8.09 -29.10 21.45
N PHE D 29 9.17 -29.82 21.75
CA PHE D 29 10.48 -29.18 21.75
C PHE D 29 10.92 -28.84 20.34
N GLU D 30 10.50 -29.61 19.34
CA GLU D 30 10.84 -29.26 17.97
C GLU D 30 10.35 -27.87 17.60
N GLY D 31 9.13 -27.52 18.02
CA GLY D 31 8.62 -26.18 17.74
C GLY D 31 9.37 -25.12 18.53
N PHE D 32 9.62 -25.39 19.81
CA PHE D 32 10.38 -24.48 20.68
C PHE D 32 11.74 -24.20 20.08
N GLU D 33 12.44 -25.25 19.63
CA GLU D 33 13.77 -25.08 19.07
C GLU D 33 13.72 -24.42 17.71
N ASP D 34 12.71 -24.72 16.89
CA ASP D 34 12.61 -24.06 15.59
C ASP D 34 12.47 -22.55 15.76
N ALA D 35 11.66 -22.12 16.73
CA ALA D 35 11.48 -20.69 16.97
C ALA D 35 12.76 -20.08 17.51
N ALA D 36 13.44 -20.78 18.42
CA ALA D 36 14.70 -20.28 18.95
C ALA D 36 15.73 -20.10 17.84
N LYS D 37 15.82 -21.06 16.91
CA LYS D 37 16.79 -20.95 15.82
C LYS D 37 16.45 -19.80 14.89
N ALA D 38 15.15 -19.56 14.67
CA ALA D 38 14.74 -18.46 13.81
C ALA D 38 15.12 -17.12 14.42
N ILE D 39 14.99 -16.99 15.75
CA ILE D 39 15.38 -15.77 16.43
C ILE D 39 16.89 -15.70 16.59
N GLY D 40 17.53 -16.81 16.93
CA GLY D 40 18.94 -16.84 17.23
C GLY D 40 19.29 -17.03 18.70
N VAL D 41 18.36 -17.49 19.53
CA VAL D 41 18.64 -17.80 20.92
C VAL D 41 18.79 -19.31 21.05
N THR D 42 19.17 -19.77 22.24
CA THR D 42 19.44 -21.19 22.48
C THR D 42 18.28 -21.82 23.24
N ALA D 43 17.67 -22.85 22.65
CA ALA D 43 16.64 -23.62 23.32
C ALA D 43 17.25 -24.80 24.06
N LYS D 44 16.79 -25.00 25.29
CA LYS D 44 17.27 -26.08 26.14
C LYS D 44 16.10 -26.91 26.64
N TYR D 45 16.32 -28.20 26.81
CA TYR D 45 15.28 -29.15 27.19
C TYR D 45 15.68 -29.89 28.46
N THR D 46 14.76 -29.99 29.41
CA THR D 46 14.98 -30.88 30.55
C THR D 46 13.62 -31.20 31.17
N GLY D 47 13.64 -32.10 32.14
CA GLY D 47 12.41 -32.44 32.80
C GLY D 47 12.60 -33.58 33.79
N GLN D 48 11.52 -33.88 34.51
CA GLN D 48 11.46 -35.00 35.43
C GLN D 48 11.06 -36.25 34.64
N THR D 49 11.77 -37.35 34.87
CA THR D 49 11.55 -38.51 34.01
C THR D 49 10.23 -39.22 34.30
N ASP D 50 9.68 -39.06 35.49
CA ASP D 50 8.40 -39.67 35.84
C ASP D 50 7.42 -38.55 36.21
N THR D 51 6.40 -38.85 37.02
CA THR D 51 5.44 -37.84 37.43
C THR D 51 5.68 -37.37 38.87
N ASP D 52 6.88 -37.58 39.40
CA ASP D 52 7.14 -37.20 40.79
C ASP D 52 7.10 -35.68 40.93
N VAL D 53 6.24 -35.19 41.82
CA VAL D 53 6.04 -33.77 41.96
C VAL D 53 7.28 -33.08 42.51
N SER D 54 7.81 -33.59 43.63
CA SER D 54 9.00 -32.99 44.23
C SER D 54 10.17 -33.03 43.26
N GLY D 55 10.26 -34.11 42.48
CA GLY D 55 11.31 -34.20 41.47
C GLY D 55 11.20 -33.10 40.43
N GLN D 56 9.98 -32.84 39.93
CA GLN D 56 9.86 -31.80 38.92
C GLN D 56 10.15 -30.43 39.52
N VAL D 57 9.77 -30.19 40.77
CA VAL D 57 10.11 -28.93 41.41
C VAL D 57 11.63 -28.79 41.48
N ALA D 58 12.33 -29.86 41.82
CA ALA D 58 13.79 -29.81 41.90
C ALA D 58 14.40 -29.52 40.53
N VAL D 59 13.84 -30.12 39.47
CA VAL D 59 14.34 -29.84 38.13
C VAL D 59 14.15 -28.38 37.79
N LEU D 60 12.95 -27.84 38.07
CA LEU D 60 12.70 -26.44 37.78
C LEU D 60 13.62 -25.52 38.57
N GLU D 61 13.90 -25.86 39.83
CA GLU D 61 14.84 -25.07 40.61
C GLU D 61 16.23 -25.09 39.98
N GLN D 62 16.67 -26.25 39.50
CA GLN D 62 17.97 -26.34 38.83
C GLN D 62 18.01 -25.46 37.59
N VAL D 63 16.90 -25.42 36.86
CA VAL D 63 16.83 -24.57 35.67
C VAL D 63 16.91 -23.11 36.05
N ILE D 64 16.21 -22.70 37.11
CA ILE D 64 16.25 -21.32 37.56
C ILE D 64 17.68 -20.92 37.91
N ALA D 65 18.44 -21.85 38.50
CA ALA D 65 19.81 -21.56 38.90
C ALA D 65 20.74 -21.34 37.70
N GLN D 66 20.33 -21.77 36.50
CA GLN D 66 21.08 -21.48 35.29
C GLN D 66 20.85 -20.06 34.78
N LYS D 67 19.94 -19.30 35.40
CA LYS D 67 19.61 -17.92 35.05
C LYS D 67 19.25 -17.79 33.58
N PRO D 68 18.30 -18.58 33.10
CA PRO D 68 17.81 -18.41 31.73
C PRO D 68 17.00 -17.14 31.59
N LYS D 69 16.79 -16.74 30.33
CA LYS D 69 15.91 -15.61 30.06
C LYS D 69 14.44 -16.00 30.18
N GLY D 70 14.10 -17.26 29.93
CA GLY D 70 12.70 -17.68 29.91
C GLY D 70 12.55 -19.17 30.12
N ILE D 71 11.41 -19.55 30.67
CA ILE D 71 11.07 -20.95 30.93
C ILE D 71 9.64 -21.19 30.47
N ALA D 72 9.43 -22.26 29.70
CA ALA D 72 8.11 -22.81 29.40
C ALA D 72 7.99 -24.11 30.16
N VAL D 73 7.06 -24.18 31.10
CA VAL D 73 6.92 -25.36 31.96
C VAL D 73 5.52 -25.93 31.83
N THR D 74 5.44 -27.25 31.78
CA THR D 74 4.19 -27.98 31.87
C THR D 74 4.14 -28.61 33.26
N ALA D 75 3.10 -28.28 34.03
CA ALA D 75 3.06 -28.60 35.45
C ALA D 75 2.44 -29.98 35.68
N VAL D 76 3.19 -30.85 36.36
CA VAL D 76 2.69 -32.19 36.64
C VAL D 76 1.59 -32.16 37.70
N ASN D 77 1.46 -31.06 38.44
CA ASN D 77 0.50 -30.89 39.52
C ASN D 77 -0.03 -29.46 39.42
N SER D 78 -1.35 -29.31 39.62
CA SER D 78 -2.01 -28.04 39.33
C SER D 78 -1.53 -26.89 40.23
N THR D 79 -1.02 -27.18 41.43
CA THR D 79 -0.61 -26.13 42.34
C THR D 79 0.79 -26.27 42.92
N ALA D 80 1.42 -27.45 42.88
CA ALA D 80 2.66 -27.67 43.64
C ALA D 80 3.86 -26.91 43.05
N LEU D 81 3.80 -26.49 41.79
CA LEU D 81 4.89 -25.74 41.20
C LEU D 81 4.71 -24.22 41.26
N ALA D 82 3.56 -23.75 41.73
CA ALA D 82 3.23 -22.32 41.62
C ALA D 82 4.25 -21.45 42.33
N ASP D 83 4.64 -21.83 43.55
CA ASP D 83 5.58 -21.01 44.31
C ASP D 83 6.93 -20.92 43.60
N THR D 84 7.36 -22.02 42.96
CA THR D 84 8.63 -22.03 42.25
C THR D 84 8.55 -21.18 40.98
N ILE D 85 7.45 -21.31 40.23
CA ILE D 85 7.20 -20.42 39.10
C ILE D 85 7.26 -18.97 39.55
N ASN D 86 6.58 -18.65 40.65
CA ASN D 86 6.55 -17.26 41.12
C ASN D 86 7.94 -16.79 41.53
N SER D 87 8.77 -17.68 42.08
CA SER D 87 10.11 -17.30 42.46
C SER D 87 10.95 -16.98 41.23
N ALA D 88 10.80 -17.77 40.17
CA ALA D 88 11.51 -17.50 38.92
C ALA D 88 11.15 -16.12 38.39
N ILE D 89 9.87 -15.79 38.38
CA ILE D 89 9.42 -14.48 37.89
C ILE D 89 9.97 -13.36 38.76
N GLU D 90 9.93 -13.55 40.08
CA GLU D 90 10.52 -12.57 41.00
C GLU D 90 12.00 -12.37 40.71
N GLN D 91 12.71 -13.41 40.27
CA GLN D 91 14.12 -13.31 39.93
C GLN D 91 14.36 -12.76 38.53
N GLY D 92 13.33 -12.31 37.83
CA GLY D 92 13.50 -11.69 36.53
C GLY D 92 13.36 -12.61 35.34
N ILE D 93 13.00 -13.87 35.54
CA ILE D 93 12.87 -14.84 34.46
C ILE D 93 11.43 -14.82 33.95
N SER D 94 11.27 -14.78 32.64
CA SER D 94 9.94 -14.90 32.06
C SER D 94 9.48 -16.35 32.13
N VAL D 95 8.22 -16.56 32.49
CA VAL D 95 7.67 -17.91 32.59
C VAL D 95 6.29 -17.96 31.96
N VAL D 96 6.07 -18.95 31.09
CA VAL D 96 4.75 -19.32 30.62
C VAL D 96 4.56 -20.80 30.90
N CYS D 97 3.31 -21.22 30.97
CA CYS D 97 2.97 -22.64 31.05
C CYS D 97 2.48 -23.11 29.69
N PHE D 98 2.86 -24.32 29.32
CA PHE D 98 2.33 -24.97 28.13
C PHE D 98 1.86 -26.36 28.49
N ASP D 99 0.88 -26.86 27.74
CA ASP D 99 0.38 -28.23 27.81
C ASP D 99 -0.41 -28.56 29.08
N SER D 100 0.11 -28.21 30.25
CA SER D 100 -0.59 -28.42 31.51
C SER D 100 -0.31 -27.23 32.41
N ASP D 101 -1.36 -26.57 32.90
CA ASP D 101 -1.24 -25.25 33.50
C ASP D 101 -0.95 -25.31 35.00
N SER D 102 -0.42 -24.19 35.52
CA SER D 102 -0.32 -23.91 36.95
C SER D 102 -1.15 -22.65 37.16
N PRO D 103 -2.48 -22.77 37.16
CA PRO D 103 -3.34 -21.57 37.00
C PRO D 103 -3.34 -20.64 38.19
N THR D 104 -2.84 -21.04 39.36
CA THR D 104 -2.80 -20.13 40.49
C THR D 104 -1.50 -19.37 40.58
N SER D 105 -0.52 -19.71 39.73
CA SER D 105 0.76 -19.03 39.68
C SER D 105 0.66 -17.75 38.87
N ASN D 106 1.75 -17.00 38.84
CA ASN D 106 1.83 -15.75 38.13
C ASN D 106 2.35 -15.89 36.70
N ARG D 107 2.37 -17.10 36.14
CA ARG D 107 2.85 -17.27 34.77
C ARG D 107 2.07 -16.36 33.83
N SER D 108 2.75 -15.88 32.79
CA SER D 108 2.20 -14.82 31.95
C SER D 108 1.12 -15.33 31.01
N ALA D 109 1.20 -16.59 30.61
CA ALA D 109 0.26 -17.12 29.63
C ALA D 109 0.25 -18.64 29.74
N TYR D 110 -0.85 -19.21 29.24
CA TYR D 110 -0.94 -20.65 29.01
C TYR D 110 -1.04 -20.87 27.50
N LEU D 111 -0.26 -21.81 26.99
CA LEU D 111 -0.30 -22.19 25.58
C LEU D 111 -0.52 -23.70 25.52
N GLY D 112 -1.65 -24.11 24.95
CA GLY D 112 -1.90 -25.53 24.83
C GLY D 112 -3.36 -25.82 24.56
N THR D 113 -3.69 -27.09 24.74
CA THR D 113 -5.07 -27.54 24.54
C THR D 113 -6.00 -26.85 25.52
N GLY D 114 -7.17 -26.48 25.04
CA GLY D 114 -8.29 -26.13 25.89
C GLY D 114 -8.82 -27.40 26.53
N ASN D 115 -8.27 -27.75 27.70
CA ASN D 115 -8.41 -29.11 28.19
C ASN D 115 -9.83 -29.43 28.62
N TYR D 116 -10.51 -28.50 29.27
CA TYR D 116 -11.91 -28.71 29.61
C TYR D 116 -12.74 -28.92 28.35
N ALA D 117 -12.59 -28.04 27.36
CA ALA D 117 -13.35 -28.15 26.12
C ALA D 117 -13.02 -29.43 25.36
N ALA D 118 -11.77 -29.91 25.46
CA ALA D 118 -11.41 -31.16 24.81
C ALA D 118 -12.08 -32.34 25.48
N GLY D 119 -12.28 -32.27 26.80
CA GLY D 119 -13.07 -33.27 27.49
C GLY D 119 -14.52 -33.28 27.03
N GLN D 120 -15.08 -32.09 26.82
CA GLN D 120 -16.42 -32.00 26.24
C GLN D 120 -16.44 -32.61 24.85
N LYS D 121 -15.44 -32.28 24.03
CA LYS D 121 -15.36 -32.81 22.67
C LYS D 121 -15.23 -34.32 22.67
N ALA D 122 -14.46 -34.86 23.61
CA ALA D 122 -14.32 -36.31 23.74
C ALA D 122 -15.65 -36.96 24.08
N ALA D 123 -16.43 -36.34 24.98
CA ALA D 123 -17.73 -36.89 25.31
C ALA D 123 -18.69 -36.80 24.12
N GLU D 124 -18.67 -35.67 23.41
CA GLU D 124 -19.50 -35.53 22.21
C GLU D 124 -19.22 -36.64 21.21
N PHE D 125 -17.98 -37.14 21.17
CA PHE D 125 -17.61 -38.21 20.25
C PHE D 125 -17.97 -39.58 20.81
N LEU D 126 -17.61 -39.85 22.06
CA LEU D 126 -17.68 -41.21 22.59
C LEU D 126 -19.07 -41.59 23.05
N VAL D 127 -19.81 -40.65 23.67
CA VAL D 127 -21.09 -41.01 24.28
C VAL D 127 -22.09 -41.46 23.23
N PRO D 128 -22.26 -40.78 22.10
CA PRO D 128 -23.17 -41.31 21.06
C PRO D 128 -22.78 -42.70 20.60
N LEU D 129 -21.48 -43.04 20.60
CA LEU D 129 -21.08 -44.37 20.17
C LEU D 129 -21.60 -45.45 21.10
N VAL D 130 -21.84 -45.11 22.37
CA VAL D 130 -22.43 -46.05 23.32
C VAL D 130 -23.93 -45.74 23.53
N ASN D 131 -24.53 -44.96 22.65
CA ASN D 131 -25.97 -44.76 22.62
C ASN D 131 -26.49 -44.21 23.93
N TYR D 132 -25.69 -43.34 24.55
CA TYR D 132 -26.11 -42.54 25.70
C TYR D 132 -26.48 -43.39 26.90
N LYS D 133 -25.82 -44.55 27.01
CA LYS D 133 -26.20 -45.58 27.96
C LYS D 133 -24.94 -46.29 28.45
N GLY D 134 -24.91 -46.63 29.74
CA GLY D 134 -23.83 -47.45 30.26
C GLY D 134 -22.78 -46.65 31.02
N LYS D 135 -21.70 -47.36 31.36
CA LYS D 135 -20.62 -46.78 32.15
C LYS D 135 -19.36 -46.61 31.32
N ILE D 136 -18.69 -45.48 31.51
CA ILE D 136 -17.46 -45.16 30.80
C ILE D 136 -16.33 -45.12 31.82
N ALA D 137 -15.30 -45.93 31.62
CA ALA D 137 -14.09 -45.86 32.40
C ALA D 137 -13.24 -44.70 31.91
N VAL D 138 -12.80 -43.85 32.83
CA VAL D 138 -12.02 -42.65 32.50
C VAL D 138 -10.65 -42.82 33.14
N LEU D 139 -9.63 -43.00 32.30
CA LEU D 139 -8.28 -43.38 32.71
C LEU D 139 -7.35 -42.19 32.54
N TYR D 140 -6.79 -41.69 33.64
CA TYR D 140 -6.07 -40.42 33.56
C TYR D 140 -5.03 -40.28 34.66
N THR D 141 -4.10 -39.35 34.45
CA THR D 141 -3.06 -39.04 35.42
C THR D 141 -3.63 -38.12 36.49
N VAL D 142 -3.99 -38.67 37.65
CA VAL D 142 -4.56 -37.84 38.69
C VAL D 142 -3.54 -36.77 39.11
N GLY D 143 -4.03 -35.56 39.36
CA GLY D 143 -3.22 -34.46 39.85
C GLY D 143 -2.76 -33.46 38.78
N ALA D 144 -2.66 -33.90 37.53
CA ALA D 144 -2.20 -33.03 36.45
C ALA D 144 -3.35 -32.13 36.01
N GLU D 145 -3.07 -30.83 35.84
CA GLU D 145 -4.15 -29.91 35.54
C GLU D 145 -4.85 -30.29 34.23
N ASN D 146 -4.06 -30.64 33.21
CA ASN D 146 -4.68 -30.91 31.92
C ASN D 146 -5.57 -32.14 32.00
N SER D 147 -5.10 -33.21 32.65
CA SER D 147 -5.93 -34.41 32.77
C SER D 147 -7.17 -34.15 33.63
N GLU D 148 -7.01 -33.43 34.75
CA GLU D 148 -8.17 -33.17 35.60
C GLU D 148 -9.21 -32.34 34.87
N SER D 149 -8.76 -31.37 34.06
CA SER D 149 -9.68 -30.52 33.31
C SER D 149 -10.38 -31.31 32.20
N ARG D 150 -9.64 -32.19 31.52
CA ARG D 150 -10.28 -33.05 30.51
C ARG D 150 -11.38 -33.89 31.14
N VAL D 151 -11.10 -34.49 32.29
CA VAL D 151 -12.12 -35.30 32.98
C VAL D 151 -13.32 -34.45 33.35
N GLN D 152 -13.09 -33.25 33.88
CA GLN D 152 -14.20 -32.41 34.31
C GLN D 152 -15.07 -32.03 33.12
N GLY D 153 -14.44 -31.69 31.98
CA GLY D 153 -15.21 -31.37 30.80
C GLY D 153 -16.04 -32.55 30.31
N PHE D 154 -15.45 -33.74 30.32
CA PHE D 154 -16.17 -34.95 29.94
C PHE D 154 -17.32 -35.22 30.90
N GLU D 155 -17.04 -35.15 32.21
CA GLU D 155 -18.08 -35.44 33.19
C GLU D 155 -19.23 -34.43 33.11
N ASP D 156 -18.90 -33.15 32.92
CA ASP D 156 -19.95 -32.13 32.84
C ASP D 156 -20.80 -32.29 31.58
N TRP D 157 -20.17 -32.61 30.44
CA TRP D 157 -20.95 -32.87 29.24
C TRP D 157 -21.93 -34.02 29.48
N CYS D 158 -21.48 -35.09 30.14
CA CYS D 158 -22.36 -36.21 30.42
C CYS D 158 -23.50 -35.80 31.35
N LYS D 159 -23.22 -34.95 32.35
CA LYS D 159 -24.28 -34.53 33.25
C LYS D 159 -25.35 -33.75 32.51
N GLN D 160 -24.95 -32.93 31.52
CA GLN D 160 -25.90 -32.07 30.84
C GLN D 160 -26.60 -32.79 29.68
N ASN D 161 -25.93 -33.74 29.02
CA ASN D 161 -26.46 -34.30 27.79
C ASN D 161 -26.67 -35.81 27.82
N ALA D 162 -26.15 -36.50 28.82
CA ALA D 162 -26.20 -37.96 28.88
C ALA D 162 -26.44 -38.39 30.32
N PRO D 163 -27.61 -38.05 30.87
CA PRO D 163 -27.84 -38.26 32.31
C PRO D 163 -27.80 -39.71 32.75
N GLU D 164 -28.01 -40.66 31.85
CA GLU D 164 -28.02 -42.08 32.22
C GLU D 164 -26.64 -42.71 32.10
N VAL D 165 -25.64 -41.96 31.63
CA VAL D 165 -24.27 -42.45 31.57
C VAL D 165 -23.60 -42.27 32.92
N SER D 166 -22.85 -43.28 33.35
CA SER D 166 -22.07 -43.21 34.57
C SER D 166 -20.59 -43.30 34.22
N LEU D 167 -19.75 -42.90 35.17
CA LEU D 167 -18.31 -42.90 35.00
C LEU D 167 -17.66 -43.71 36.11
N VAL D 168 -16.56 -44.38 35.79
CA VAL D 168 -15.64 -44.89 36.80
C VAL D 168 -14.28 -44.28 36.51
N LYS D 169 -13.74 -43.56 37.49
CA LYS D 169 -12.47 -42.85 37.33
C LYS D 169 -11.33 -43.76 37.77
N VAL D 170 -10.30 -43.86 36.94
CA VAL D 170 -9.20 -44.81 37.12
C VAL D 170 -7.88 -44.05 36.98
N ASN D 171 -7.02 -44.16 37.99
CA ASN D 171 -5.74 -43.47 37.98
C ASN D 171 -4.75 -44.23 37.10
N ASP D 172 -4.16 -43.54 36.11
CA ASP D 172 -3.13 -44.18 35.31
C ASP D 172 -1.74 -44.02 35.92
N ALA D 173 -1.63 -43.20 36.98
CA ALA D 173 -0.43 -43.08 37.81
C ALA D 173 0.81 -42.65 37.03
N GLY D 174 0.63 -42.10 35.83
CA GLY D 174 1.75 -41.79 34.99
C GLY D 174 2.63 -42.98 34.67
N ASP D 175 2.10 -44.19 34.78
CA ASP D 175 2.88 -45.41 34.71
C ASP D 175 2.03 -46.43 33.95
N THR D 176 2.44 -46.76 32.72
CA THR D 176 1.61 -47.58 31.86
C THR D 176 1.36 -48.96 32.45
N THR D 177 2.24 -49.40 33.36
CA THR D 177 2.05 -50.69 34.01
C THR D 177 0.97 -50.61 35.10
N VAL D 178 1.11 -49.65 36.01
CA VAL D 178 0.06 -49.42 36.99
C VAL D 178 -1.26 -49.16 36.28
N ALA D 179 -1.22 -48.39 35.19
CA ALA D 179 -2.44 -47.99 34.51
C ALA D 179 -3.20 -49.19 33.98
N ALA D 180 -2.49 -50.11 33.30
CA ALA D 180 -3.15 -51.28 32.76
C ALA D 180 -3.72 -52.17 33.86
N ASP D 181 -2.97 -52.34 34.95
CA ASP D 181 -3.47 -53.09 36.10
C ASP D 181 -4.74 -52.46 36.65
N ASN D 182 -4.73 -51.13 36.82
CA ASN D 182 -5.86 -50.45 37.42
C ASN D 182 -7.09 -50.56 36.52
N LEU D 183 -6.92 -50.35 35.22
CA LEU D 183 -8.06 -50.47 34.33
C LEU D 183 -8.55 -51.91 34.27
N ALA D 184 -7.63 -52.87 34.25
CA ALA D 184 -8.02 -54.27 34.25
C ALA D 184 -8.92 -54.59 35.44
N ALA D 185 -8.59 -54.07 36.62
CA ALA D 185 -9.42 -54.30 37.79
C ALA D 185 -10.78 -53.61 37.65
N ALA D 186 -10.79 -52.39 37.13
CA ALA D 186 -12.05 -51.67 36.95
C ALA D 186 -12.97 -52.41 35.98
N LEU D 187 -12.40 -52.97 34.91
CA LEU D 187 -13.20 -53.74 33.95
C LEU D 187 -13.83 -54.96 34.63
N GLN D 188 -13.07 -55.66 35.47
CA GLN D 188 -13.60 -56.83 36.17
C GLN D 188 -14.73 -56.44 37.12
N ALA D 189 -14.60 -55.29 37.79
CA ALA D 189 -15.55 -54.90 38.82
C ALA D 189 -16.79 -54.20 38.26
N ASN D 190 -16.79 -53.84 36.98
CA ASN D 190 -17.88 -53.05 36.41
C ASN D 190 -18.26 -53.66 35.06
N ASP D 191 -19.11 -54.68 35.12
CA ASP D 191 -19.57 -55.35 33.91
C ASP D 191 -20.39 -54.45 33.00
N ASP D 192 -20.84 -53.30 33.47
CA ASP D 192 -21.64 -52.40 32.65
C ASP D 192 -20.79 -51.39 31.89
N ILE D 193 -19.47 -51.49 31.96
CA ILE D 193 -18.61 -50.61 31.17
C ILE D 193 -18.85 -50.85 29.68
N VAL D 194 -19.11 -49.77 28.96
CA VAL D 194 -19.32 -49.82 27.52
C VAL D 194 -18.26 -49.05 26.74
N GLY D 195 -17.45 -48.22 27.41
CA GLY D 195 -16.44 -47.47 26.72
C GLY D 195 -15.34 -47.03 27.67
N VAL D 196 -14.25 -46.56 27.06
CA VAL D 196 -13.09 -46.09 27.80
C VAL D 196 -12.63 -44.78 27.17
N PHE D 197 -12.47 -43.75 28.00
CA PHE D 197 -11.88 -42.48 27.61
C PHE D 197 -10.48 -42.47 28.19
N CYS D 198 -9.47 -42.59 27.32
CA CYS D 198 -8.07 -42.45 27.70
C CYS D 198 -7.71 -40.97 27.61
N VAL D 199 -7.37 -40.37 28.77
CA VAL D 199 -7.34 -38.92 28.88
C VAL D 199 -6.00 -38.31 28.55
N ASP D 200 -4.93 -39.09 28.56
CA ASP D 200 -3.59 -38.58 28.27
C ASP D 200 -2.80 -39.71 27.65
N GLY D 201 -1.56 -39.40 27.25
CA GLY D 201 -0.78 -40.34 26.47
C GLY D 201 -0.51 -41.65 27.19
N VAL D 202 -0.23 -41.58 28.49
CA VAL D 202 -0.03 -42.79 29.27
C VAL D 202 -1.25 -43.70 29.16
N ALA D 203 -2.45 -43.11 29.33
CA ALA D 203 -3.68 -43.88 29.21
C ALA D 203 -3.89 -44.37 27.78
N GLY D 204 -3.45 -43.58 26.80
CA GLY D 204 -3.64 -43.97 25.41
C GLY D 204 -2.88 -45.23 25.04
N THR D 205 -1.79 -45.51 25.77
CA THR D 205 -1.05 -46.76 25.61
C THR D 205 -1.67 -47.87 26.44
N ALA D 206 -1.91 -47.60 27.72
CA ALA D 206 -2.31 -48.64 28.64
C ALA D 206 -3.77 -49.05 28.45
N GLY D 207 -4.63 -48.11 28.08
CA GLY D 207 -6.04 -48.36 27.99
C GLY D 207 -6.38 -49.45 26.99
N PRO D 208 -6.01 -49.22 25.72
CA PRO D 208 -6.28 -50.25 24.70
C PRO D 208 -5.68 -51.60 25.04
N THR D 209 -4.51 -51.61 25.69
CA THR D 209 -3.85 -52.87 26.04
C THR D 209 -4.67 -53.67 27.05
N ALA D 210 -5.14 -53.00 28.11
CA ALA D 210 -5.98 -53.67 29.09
C ALA D 210 -7.30 -54.10 28.48
N VAL D 211 -7.86 -53.30 27.57
CA VAL D 211 -9.12 -53.69 26.94
C VAL D 211 -8.92 -54.95 26.11
N ALA D 212 -7.81 -55.01 25.36
CA ALA D 212 -7.51 -56.19 24.56
C ALA D 212 -7.35 -57.43 25.42
N GLU D 213 -6.67 -57.29 26.57
CA GLU D 213 -6.50 -58.42 27.47
C GLU D 213 -7.84 -58.96 27.94
N SER D 214 -8.78 -58.07 28.25
CA SER D 214 -10.09 -58.48 28.74
C SER D 214 -10.92 -59.17 27.66
N LYS D 215 -10.57 -58.96 26.38
CA LYS D 215 -11.28 -59.47 25.23
C LYS D 215 -12.68 -58.88 25.08
N LYS D 216 -12.99 -57.82 25.81
CA LYS D 216 -14.28 -57.16 25.70
C LYS D 216 -14.31 -56.21 24.51
N ASP D 217 -15.49 -56.05 23.95
CA ASP D 217 -15.71 -55.20 22.77
C ASP D 217 -16.27 -53.88 23.27
N LEU D 218 -15.39 -52.88 23.38
CA LEU D 218 -15.74 -51.61 23.98
C LEU D 218 -15.42 -50.47 23.01
N ARG D 219 -16.13 -49.36 23.17
CA ARG D 219 -15.82 -48.14 22.44
C ARG D 219 -14.69 -47.42 23.16
N VAL D 220 -13.61 -47.12 22.43
CA VAL D 220 -12.40 -46.62 23.06
C VAL D 220 -11.93 -45.36 22.33
N LEU D 221 -11.69 -44.28 23.09
CA LEU D 221 -11.10 -43.04 22.58
C LEU D 221 -9.74 -42.91 23.25
N ALA D 222 -8.66 -42.98 22.49
CA ALA D 222 -7.27 -42.84 22.93
C ALA D 222 -6.93 -41.34 23.09
N PHE D 223 -5.72 -41.03 23.50
CA PHE D 223 -5.22 -39.63 23.46
C PHE D 223 -3.83 -39.67 22.80
N ASP D 224 -3.52 -38.64 22.03
CA ASP D 224 -2.24 -38.38 21.34
C ASP D 224 -2.06 -39.26 20.10
N VAL D 225 -0.95 -39.08 19.44
CA VAL D 225 -0.78 -39.65 18.10
C VAL D 225 0.46 -40.49 17.97
N ASP D 226 0.82 -41.21 19.04
CA ASP D 226 1.82 -42.26 18.94
C ASP D 226 1.50 -43.18 17.76
N VAL D 227 2.53 -43.56 17.02
CA VAL D 227 2.34 -44.46 15.88
C VAL D 227 1.55 -45.69 16.29
N THR D 228 1.81 -46.24 17.47
CA THR D 228 1.12 -47.44 17.91
C THR D 228 -0.37 -47.19 18.14
N VAL D 229 -0.73 -45.97 18.54
CA VAL D 229 -2.13 -45.63 18.74
C VAL D 229 -2.82 -45.39 17.41
N LEU D 230 -2.15 -44.66 16.50
CA LEU D 230 -2.71 -44.45 15.17
C LEU D 230 -3.02 -45.77 14.48
N ASP D 231 -2.11 -46.74 14.56
CA ASP D 231 -2.34 -48.04 13.93
C ASP D 231 -3.59 -48.72 14.47
N LYS D 232 -3.90 -48.53 15.76
CA LYS D 232 -5.10 -49.11 16.33
C LYS D 232 -6.36 -48.37 15.92
N VAL D 233 -6.26 -47.05 15.69
CA VAL D 233 -7.37 -46.34 15.05
C VAL D 233 -7.56 -46.88 13.64
N LYS D 234 -6.45 -47.01 12.90
CA LYS D 234 -6.51 -47.48 11.53
C LYS D 234 -7.06 -48.90 11.45
N SER D 235 -6.61 -49.78 12.34
CA SER D 235 -7.05 -51.17 12.32
C SER D 235 -8.49 -51.32 12.80
N GLY D 236 -9.08 -50.29 13.38
CA GLY D 236 -10.39 -50.38 13.97
C GLY D 236 -10.42 -50.97 15.37
N GLU D 237 -9.25 -51.31 15.93
CA GLU D 237 -9.22 -51.83 17.30
C GLU D 237 -9.86 -50.84 18.26
N ILE D 238 -9.59 -49.55 18.07
CA ILE D 238 -10.20 -48.49 18.88
C ILE D 238 -10.92 -47.54 17.94
N ASP D 239 -11.72 -46.64 18.52
CA ASP D 239 -12.60 -45.79 17.73
C ASP D 239 -11.97 -44.47 17.33
N GLY D 240 -10.94 -44.02 18.03
CA GLY D 240 -10.28 -42.79 17.65
C GLY D 240 -9.27 -42.37 18.70
N THR D 241 -8.62 -41.25 18.42
CA THR D 241 -7.73 -40.63 19.39
C THR D 241 -7.84 -39.11 19.22
N VAL D 242 -7.17 -38.39 20.11
CA VAL D 242 -7.24 -36.93 20.15
C VAL D 242 -5.86 -36.38 19.88
N ALA D 243 -5.73 -35.59 18.81
CA ALA D 243 -4.46 -34.98 18.46
C ALA D 243 -4.39 -33.55 19.00
N GLN D 244 -3.27 -33.23 19.64
CA GLN D 244 -3.00 -31.90 20.16
C GLN D 244 -1.98 -31.16 19.30
N GLY D 245 -1.97 -29.83 19.42
CA GLY D 245 -1.05 -28.99 18.68
C GLY D 245 0.31 -28.85 19.34
N MET D 246 1.04 -29.96 19.42
CA MET D 246 2.26 -30.03 20.22
C MET D 246 3.29 -29.03 19.73
N TYR D 247 3.61 -29.07 18.44
CA TYR D 247 4.63 -28.20 17.88
C TYR D 247 4.32 -26.74 18.16
N ASN D 248 3.06 -26.35 18.00
CA ASN D 248 2.70 -24.95 18.18
C ASN D 248 2.78 -24.53 19.63
N MET D 249 2.53 -25.43 20.59
CA MET D 249 2.76 -25.08 21.98
C MET D 249 4.21 -24.65 22.19
N GLY D 250 5.14 -25.39 21.59
CA GLY D 250 6.55 -25.07 21.75
C GLY D 250 6.94 -23.83 20.99
N TYR D 251 6.54 -23.75 19.71
CA TYR D 251 6.96 -22.63 18.89
C TYR D 251 6.51 -21.31 19.50
N TRP D 252 5.23 -21.21 19.85
CA TRP D 252 4.67 -19.95 20.35
C TRP D 252 5.02 -19.69 21.80
N SER D 253 5.36 -20.72 22.59
CA SER D 253 5.91 -20.47 23.92
C SER D 253 7.23 -19.71 23.81
N LEU D 254 8.11 -20.16 22.92
CA LEU D 254 9.38 -19.47 22.72
C LEU D 254 9.14 -18.05 22.26
N MET D 255 8.26 -17.85 21.27
CA MET D 255 8.02 -16.50 20.76
C MET D 255 7.52 -15.57 21.85
N MET D 256 6.58 -16.03 22.68
CA MET D 256 6.07 -15.19 23.74
C MET D 256 7.13 -14.92 24.81
N LEU D 257 7.91 -15.94 25.18
CA LEU D 257 8.93 -15.74 26.21
C LEU D 257 9.96 -14.71 25.75
N TYR D 258 10.42 -14.82 24.50
CA TYR D 258 11.43 -13.89 24.01
C TYR D 258 10.86 -12.47 23.93
N THR D 259 9.60 -12.34 23.49
CA THR D 259 8.97 -11.04 23.40
C THR D 259 8.91 -10.37 24.77
N GLU D 260 8.46 -11.12 25.78
CA GLU D 260 8.38 -10.55 27.13
C GLU D 260 9.77 -10.24 27.68
N ALA D 261 10.70 -11.19 27.56
CA ALA D 261 12.02 -11.01 28.14
C ALA D 261 12.76 -9.81 27.55
N ASN D 262 12.40 -9.40 26.34
CA ASN D 262 13.06 -8.28 25.68
C ASN D 262 12.21 -7.04 25.60
N GLY D 263 11.03 -7.03 26.24
CA GLY D 263 10.22 -5.83 26.31
C GLY D 263 9.74 -5.31 24.99
N LEU D 264 9.56 -6.19 24.00
CA LEU D 264 9.21 -5.76 22.65
C LEU D 264 7.75 -5.37 22.52
N SER D 265 6.89 -5.86 23.41
CA SER D 265 5.47 -5.52 23.42
C SER D 265 5.19 -4.54 24.54
N SER D 266 4.41 -3.50 24.24
CA SER D 266 4.04 -2.53 25.26
C SER D 266 3.05 -3.07 26.28
N LYS D 267 2.37 -4.17 25.96
CA LYS D 267 1.39 -4.76 26.86
C LYS D 267 1.88 -6.12 27.35
N ALA D 268 1.34 -6.55 28.49
CA ALA D 268 1.60 -7.90 28.97
C ALA D 268 1.12 -8.91 27.95
N LEU D 269 1.73 -10.10 27.96
CA LEU D 269 1.41 -11.12 26.98
C LEU D 269 -0.08 -11.47 27.01
N PRO D 270 -0.65 -11.85 25.86
CA PRO D 270 -2.01 -12.40 25.86
C PRO D 270 -2.02 -13.70 26.64
N GLY D 271 -3.15 -13.97 27.30
CA GLY D 271 -3.15 -14.96 28.36
C GLY D 271 -3.33 -16.40 27.94
N ASN D 272 -3.88 -16.67 26.76
CA ASN D 272 -4.17 -18.05 26.40
C ASN D 272 -4.14 -18.24 24.90
N LEU D 273 -3.24 -19.12 24.45
CA LEU D 273 -3.22 -19.59 23.07
C LEU D 273 -3.82 -20.98 23.03
N ASP D 274 -4.89 -21.15 22.25
CA ASP D 274 -5.53 -22.45 22.09
C ASP D 274 -4.91 -23.14 20.88
N THR D 275 -4.08 -24.14 21.13
CA THR D 275 -3.37 -24.83 20.06
C THR D 275 -4.20 -25.95 19.42
N GLY D 276 -5.45 -26.14 19.86
CA GLY D 276 -6.44 -26.92 19.13
C GLY D 276 -6.36 -28.42 19.40
N VAL D 277 -7.51 -29.07 19.18
CA VAL D 277 -7.56 -30.53 19.13
C VAL D 277 -8.34 -30.98 17.90
N VAL D 278 -8.04 -32.21 17.46
CA VAL D 278 -8.73 -32.86 16.36
C VAL D 278 -9.01 -34.29 16.80
N ILE D 279 -10.25 -34.73 16.65
CA ILE D 279 -10.59 -36.14 16.84
C ILE D 279 -10.08 -36.90 15.62
N VAL D 280 -9.20 -37.87 15.85
CA VAL D 280 -8.59 -38.64 14.78
C VAL D 280 -9.34 -39.95 14.64
N THR D 281 -9.88 -40.20 13.45
CA THR D 281 -10.60 -41.41 13.10
C THR D 281 -9.94 -42.03 11.88
N LYS D 282 -10.54 -43.11 11.35
CA LYS D 282 -10.00 -43.73 10.15
C LYS D 282 -9.99 -42.75 8.98
N ASP D 283 -10.93 -41.80 8.97
CA ASP D 283 -11.00 -40.81 7.90
C ASP D 283 -9.71 -40.01 7.79
N ASN D 284 -9.17 -39.53 8.91
CA ASN D 284 -8.04 -38.62 8.86
C ASN D 284 -6.78 -39.18 9.52
N VAL D 285 -6.77 -40.45 9.92
CA VAL D 285 -5.61 -40.97 10.65
C VAL D 285 -4.34 -40.87 9.82
N ASP D 286 -4.44 -41.00 8.50
CA ASP D 286 -3.24 -41.01 7.66
C ASP D 286 -2.47 -39.69 7.76
N GLU D 287 -3.16 -38.59 8.06
CA GLU D 287 -2.50 -37.30 8.13
C GLU D 287 -1.53 -37.19 9.29
N TYR D 288 -1.58 -38.09 10.27
CA TYR D 288 -0.86 -37.92 11.53
C TYR D 288 0.37 -38.79 11.69
N TYR D 289 0.68 -39.62 10.71
CA TYR D 289 1.90 -40.42 10.78
C TYR D 289 3.12 -39.56 10.49
N PRO D 290 4.25 -39.78 11.19
CA PRO D 290 5.44 -38.98 10.89
C PRO D 290 6.11 -39.43 9.58
#